data_4E58
# 
_entry.id   4E58 
# 
_audit_conform.dict_name       mmcif_pdbx.dic 
_audit_conform.dict_version    5.379 
_audit_conform.dict_location   http://mmcif.pdb.org/dictionaries/ascii/mmcif_pdbx.dic 
# 
loop_
_database_2.database_id 
_database_2.database_code 
_database_2.pdbx_database_accession 
_database_2.pdbx_DOI 
PDB   4E58         pdb_00004e58 10.2210/pdb4e58/pdb 
NDB   NA1665       ?            ?                   
RCSB  RCSB071184   ?            ?                   
WWPDB D_1000071184 ?            ?                   
# 
_pdbx_database_related.db_name        PDB 
_pdbx_database_related.db_id          4E59 
_pdbx_database_related.details        . 
_pdbx_database_related.content_type   unspecified 
# 
_pdbx_database_status.status_code                     REL 
_pdbx_database_status.entry_id                        4E58 
_pdbx_database_status.recvd_initial_deposition_date   2012-03-14 
_pdbx_database_status.deposit_site                    RCSB 
_pdbx_database_status.process_site                    RCSB 
_pdbx_database_status.status_code_sf                  REL 
_pdbx_database_status.status_code_mr                  ? 
_pdbx_database_status.SG_entry                        ? 
_pdbx_database_status.status_code_cs                  ? 
_pdbx_database_status.methods_development_category    ? 
_pdbx_database_status.pdb_format_compatible           Y 
_pdbx_database_status.status_code_nmr_data            ? 
# 
loop_
_audit_author.name 
_audit_author.pdbx_ordinal 
'Kiliszek, A.'     1 
'Kierzek, R.'      2 
'Krzyzosiak, W.J.' 3 
'Rypniewski, R.'   4 
# 
_citation.id                        primary 
_citation.title                     'Crystallographic characterization of CCG repeats.' 
_citation.journal_abbrev            'Nucleic Acids Res.' 
_citation.journal_volume            40 
_citation.page_first                8155 
_citation.page_last                 8162 
_citation.year                      2012 
_citation.journal_id_ASTM           NARHAD 
_citation.country                   UK 
_citation.journal_id_ISSN           0305-1048 
_citation.journal_id_CSD            0389 
_citation.book_publisher            ? 
_citation.pdbx_database_id_PubMed   22718980 
_citation.pdbx_database_id_DOI      10.1093/nar/gks557 
# 
loop_
_citation_author.citation_id 
_citation_author.name 
_citation_author.ordinal 
_citation_author.identifier_ORCID 
primary 'Kiliszek, A.'     1 ? 
primary 'Kierzek, R.'      2 ? 
primary 'Krzyzosiak, W.J.' 3 ? 
primary 'Rypniewski, W.'   4 ? 
# 
_cell.entry_id           4E58 
_cell.length_a           42.016 
_cell.length_b           42.016 
_cell.length_c           81.656 
_cell.angle_alpha        90.00 
_cell.angle_beta         90.00 
_cell.angle_gamma        90.00 
_cell.Z_PDB              24 
_cell.pdbx_unique_axis   ? 
_cell.length_a_esd       ? 
_cell.length_b_esd       ? 
_cell.length_c_esd       ? 
_cell.angle_alpha_esd    ? 
_cell.angle_beta_esd     ? 
_cell.angle_gamma_esd    ? 
# 
_symmetry.entry_id                         4E58 
_symmetry.space_group_name_H-M             'P 43 2 2' 
_symmetry.pdbx_full_space_group_name_H-M   ? 
_symmetry.cell_setting                     ? 
_symmetry.Int_Tables_number                95 
_symmetry.space_group_name_Hall            ? 
# 
loop_
_entity.id 
_entity.type 
_entity.src_method 
_entity.pdbx_description 
_entity.formula_weight 
_entity.pdbx_number_of_molecules 
_entity.pdbx_ec 
_entity.pdbx_mutation 
_entity.pdbx_fragment 
_entity.details 
1 polymer     syn 'RNA duplex containing CCG repeats' 2528.579 3  ? ? ? ? 
2 non-polymer syn 'SULFATE ION'                       96.063   2  ? ? ? ? 
3 water       nat water                               18.015   14 ? ? ? ? 
# 
_entity_poly.entity_id                      1 
_entity_poly.type                           polyribonucleotide 
_entity_poly.nstd_linkage                   no 
_entity_poly.nstd_monomer                   yes 
_entity_poly.pdbx_seq_one_letter_code       'GCC(LCG)CCGC' 
_entity_poly.pdbx_seq_one_letter_code_can   GCCGCCGC 
_entity_poly.pdbx_strand_id                 C,E,D 
_entity_poly.pdbx_target_identifier         ? 
# 
loop_
_entity_poly_seq.entity_id 
_entity_poly_seq.num 
_entity_poly_seq.mon_id 
_entity_poly_seq.hetero 
1 1 G   n 
1 2 C   n 
1 3 C   n 
1 4 LCG n 
1 5 C   n 
1 6 C   n 
1 7 G   n 
1 8 C   n 
# 
_pdbx_entity_src_syn.entity_id              1 
_pdbx_entity_src_syn.pdbx_src_id            1 
_pdbx_entity_src_syn.pdbx_alt_source_flag   sample 
_pdbx_entity_src_syn.pdbx_beg_seq_num       ? 
_pdbx_entity_src_syn.pdbx_end_seq_num       ? 
_pdbx_entity_src_syn.organism_scientific    'Homo sapiens' 
_pdbx_entity_src_syn.organism_common_name   ? 
_pdbx_entity_src_syn.ncbi_taxonomy_id       9606 
_pdbx_entity_src_syn.details                'Similar sequences occur in mRNA in humans' 
# 
_struct_ref.id                         1 
_struct_ref.db_name                    PDB 
_struct_ref.db_code                    4E58 
_struct_ref.pdbx_db_accession          4E58 
_struct_ref.entity_id                  1 
_struct_ref.pdbx_align_begin           1 
_struct_ref.pdbx_seq_one_letter_code   GCCGCCGC 
_struct_ref.pdbx_db_isoform            ? 
# 
loop_
_struct_ref_seq.align_id 
_struct_ref_seq.ref_id 
_struct_ref_seq.pdbx_PDB_id_code 
_struct_ref_seq.pdbx_strand_id 
_struct_ref_seq.seq_align_beg 
_struct_ref_seq.pdbx_seq_align_beg_ins_code 
_struct_ref_seq.seq_align_end 
_struct_ref_seq.pdbx_seq_align_end_ins_code 
_struct_ref_seq.pdbx_db_accession 
_struct_ref_seq.db_align_beg 
_struct_ref_seq.pdbx_db_align_beg_ins_code 
_struct_ref_seq.db_align_end 
_struct_ref_seq.pdbx_db_align_end_ins_code 
_struct_ref_seq.pdbx_auth_seq_align_beg 
_struct_ref_seq.pdbx_auth_seq_align_end 
1 1 4E58 C 1 ? 8 ? 4E58 1 ? 8 ? 1 8 
2 1 4E58 E 1 ? 8 ? 4E58 1 ? 8 ? 1 8 
3 1 4E58 D 1 ? 8 ? 4E58 1 ? 8 ? 1 8 
# 
loop_
_chem_comp.id 
_chem_comp.type 
_chem_comp.mon_nstd_flag 
_chem_comp.name 
_chem_comp.pdbx_synonyms 
_chem_comp.formula 
_chem_comp.formula_weight 
C   'RNA linking' y "CYTIDINE-5'-MONOPHOSPHATE"                                                                             ? 
'C9 H14 N3 O8 P'  323.197 
G   'RNA linking' y "GUANOSINE-5'-MONOPHOSPHATE"                                                                            ? 
'C10 H14 N5 O8 P' 363.221 
HOH non-polymer   . WATER                                                                                                   ? 
'H2 O'            18.015  
LCG 'RNA linking' n '[(1R,3R,4R,7S)-7-HYDROXY-3-(GUANIN-9-YL)-2,5-DIOXABICYCLO[2.2.1]HEPT-1-YL]METHYL DIHYDROGEN PHOSPHATE' ? 
'C11 H14 N5 O8 P' 375.231 
SO4 non-polymer   . 'SULFATE ION'                                                                                           ? 
'O4 S -2'         96.063  
# 
_exptl.entry_id          4E58 
_exptl.method            'X-RAY DIFFRACTION' 
_exptl.crystals_number   1 
# 
_exptl_crystal.id                    1 
_exptl_crystal.density_meas          ? 
_exptl_crystal.density_Matthews      2.38 
_exptl_crystal.density_percent_sol   48.22 
_exptl_crystal.description           ? 
_exptl_crystal.F_000                 ? 
_exptl_crystal.preparation           ? 
# 
_exptl_crystal_grow.crystal_id      1 
_exptl_crystal_grow.method          'VAPOR DIFFUSION, SITTING DROP' 
_exptl_crystal_grow.temp            292.0 
_exptl_crystal_grow.temp_details    ? 
_exptl_crystal_grow.pH              5.6 
_exptl_crystal_grow.pdbx_details    'MES, MgCl2 and Li2SO4, pH 5.6, VAPOR DIFFUSION, SITTING DROP, temperature 292.0K' 
_exptl_crystal_grow.pdbx_pH_range   ? 
# 
_diffrn.id                     1 
_diffrn.ambient_temp           100 
_diffrn.ambient_temp_details   ? 
_diffrn.crystal_id             1 
# 
_diffrn_detector.diffrn_id              1 
_diffrn_detector.detector               CCD 
_diffrn_detector.type                   'MARMOSAIC 225 mm CCD' 
_diffrn_detector.pdbx_collection_date   2011-03-19 
_diffrn_detector.details                ? 
# 
_diffrn_radiation.diffrn_id                        1 
_diffrn_radiation.wavelength_id                    1 
_diffrn_radiation.pdbx_monochromatic_or_laue_m_l   M 
_diffrn_radiation.monochromator                    Si 
_diffrn_radiation.pdbx_diffrn_protocol             'SINGLE WAVELENGTH' 
_diffrn_radiation.pdbx_scattering_type             x-ray 
# 
_diffrn_radiation_wavelength.id           1 
_diffrn_radiation_wavelength.wavelength   0.9148 
_diffrn_radiation_wavelength.wt           1.0 
# 
_diffrn_source.diffrn_id                   1 
_diffrn_source.source                      SYNCHROTRON 
_diffrn_source.type                        'BESSY BEAMLINE 14.1' 
_diffrn_source.pdbx_synchrotron_site       BESSY 
_diffrn_source.pdbx_synchrotron_beamline   14.1 
_diffrn_source.pdbx_wavelength             ? 
_diffrn_source.pdbx_wavelength_list        0.9148 
# 
_reflns.entry_id                     4E58 
_reflns.observed_criterion_sigma_I   0 
_reflns.observed_criterion_sigma_F   0 
_reflns.d_resolution_low             20.00 
_reflns.d_resolution_high            1.95 
_reflns.number_obs                   5762 
_reflns.number_all                   5762 
_reflns.percent_possible_obs         99.8 
_reflns.pdbx_Rmerge_I_obs            ? 
_reflns.pdbx_Rsym_value              0.067 
_reflns.pdbx_netI_over_sigmaI        23.7 
_reflns.B_iso_Wilson_estimate        50.7 
_reflns.pdbx_redundancy              28.3 
_reflns.R_free_details               ? 
_reflns.limit_h_max                  ? 
_reflns.limit_h_min                  ? 
_reflns.limit_k_max                  ? 
_reflns.limit_k_min                  ? 
_reflns.limit_l_max                  ? 
_reflns.limit_l_min                  ? 
_reflns.observed_criterion_F_max     ? 
_reflns.observed_criterion_F_min     ? 
_reflns.pdbx_chi_squared             ? 
_reflns.pdbx_scaling_rejects         ? 
_reflns.pdbx_ordinal                 1 
_reflns.pdbx_diffrn_id               1 
# 
_reflns_shell.d_res_high             1.95 
_reflns_shell.d_res_low              1.98 
_reflns_shell.percent_possible_all   97.5 
_reflns_shell.Rmerge_I_obs           ? 
_reflns_shell.pdbx_Rsym_value        0.673 
_reflns_shell.meanI_over_sigI_obs    2.175 
_reflns_shell.pdbx_redundancy        15.6 
_reflns_shell.percent_possible_obs   ? 
_reflns_shell.number_unique_all      273 
_reflns_shell.number_measured_all    ? 
_reflns_shell.number_measured_obs    ? 
_reflns_shell.number_unique_obs      ? 
_reflns_shell.pdbx_chi_squared       ? 
_reflns_shell.pdbx_ordinal           1 
_reflns_shell.pdbx_diffrn_id         1 
# 
_refine.entry_id                                 4E58 
_refine.ls_number_reflns_obs                     5717 
_refine.ls_number_reflns_all                     5717 
_refine.pdbx_ls_sigma_I                          ? 
_refine.pdbx_ls_sigma_F                          0.00 
_refine.pdbx_data_cutoff_high_absF               ? 
_refine.pdbx_data_cutoff_low_absF                ? 
_refine.pdbx_data_cutoff_high_rms_absF           ? 
_refine.ls_d_res_low                             18.790 
_refine.ls_d_res_high                            1.952 
_refine.ls_percent_reflns_obs                    99.46 
_refine.ls_R_factor_obs                          0.2580 
_refine.ls_R_factor_all                          0.2580 
_refine.ls_R_factor_R_work                       0.2580 
_refine.ls_R_factor_R_free                       0.3008 
_refine.ls_R_factor_R_free_error                 ? 
_refine.ls_R_factor_R_free_error_details         ? 
_refine.ls_percent_reflns_R_free                 100.00 
_refine.ls_number_reflns_R_free                  562 
_refine.ls_number_parameters                     ? 
_refine.ls_number_restraints                     ? 
_refine.occupancy_min                            ? 
_refine.occupancy_max                            ? 
_refine.correlation_coeff_Fo_to_Fc               ? 
_refine.correlation_coeff_Fo_to_Fc_free          ? 
_refine.B_iso_mean                               49.43 
_refine.aniso_B[1][1]                            6.3525 
_refine.aniso_B[2][2]                            6.3525 
_refine.aniso_B[3][3]                            -12.7050 
_refine.aniso_B[1][2]                            -0.0000 
_refine.aniso_B[1][3]                            0.0000 
_refine.aniso_B[2][3]                            -0.0000 
_refine.solvent_model_details                    'FLAT BULK SOLVENT MODEL' 
_refine.solvent_model_param_ksol                 0.348 
_refine.solvent_model_param_bsol                 36.220 
_refine.pdbx_solvent_vdw_probe_radii             0.80 
_refine.pdbx_solvent_ion_probe_radii             ? 
_refine.pdbx_solvent_shrinkage_radii             0.49 
_refine.pdbx_ls_cross_valid_method               THROUGHOUT 
_refine.details                                  ? 
_refine.pdbx_starting_model                      'PDB ENTRY 3GLP' 
_refine.pdbx_method_to_determine_struct          'MOLECULAR REPLACEMENT' 
_refine.pdbx_isotropic_thermal_model             Isotropic 
_refine.pdbx_stereochemistry_target_values       ML 
_refine.pdbx_stereochem_target_val_spec_case     ? 
_refine.pdbx_R_Free_selection_details            RANDOM 
_refine.pdbx_overall_ESU_R                       ? 
_refine.pdbx_overall_ESU_R_Free                  ? 
_refine.overall_SU_ML                            0.36 
_refine.pdbx_overall_phase_error                 31.83 
_refine.overall_SU_B                             ? 
_refine.overall_SU_R_Cruickshank_DPI             ? 
_refine.ls_redundancy_reflns_obs                 ? 
_refine.B_iso_min                                ? 
_refine.B_iso_max                                ? 
_refine.overall_SU_R_free                        ? 
_refine.ls_wR_factor_R_free                      ? 
_refine.ls_wR_factor_R_work                      ? 
_refine.overall_FOM_free_R_set                   ? 
_refine.overall_FOM_work_R_set                   ? 
_refine.pdbx_diffrn_id                           1 
_refine.pdbx_refine_id                           'X-RAY DIFFRACTION' 
_refine.pdbx_TLS_residual_ADP_flag               ? 
_refine.pdbx_overall_SU_R_free_Cruickshank_DPI   ? 
_refine.pdbx_overall_SU_R_Blow_DPI               ? 
_refine.pdbx_overall_SU_R_free_Blow_DPI          ? 
# 
_refine_hist.pdbx_refine_id                   'X-RAY DIFFRACTION' 
_refine_hist.cycle_id                         LAST 
_refine_hist.pdbx_number_atoms_protein        0 
_refine_hist.pdbx_number_atoms_nucleic_acid   486 
_refine_hist.pdbx_number_atoms_ligand         10 
_refine_hist.number_atoms_solvent             14 
_refine_hist.number_atoms_total               510 
_refine_hist.d_res_high                       1.952 
_refine_hist.d_res_low                        18.790 
# 
loop_
_refine_ls_restr.type 
_refine_ls_restr.dev_ideal 
_refine_ls_restr.dev_ideal_target 
_refine_ls_restr.weight 
_refine_ls_restr.number 
_refine_ls_restr.pdbx_restraint_function 
_refine_ls_restr.pdbx_refine_id 
f_bond_d           0.010  ? ? 549 ? 'X-RAY DIFFRACTION' 
f_angle_d          1.230  ? ? 856 ? 'X-RAY DIFFRACTION' 
f_dihedral_angle_d 16.246 ? ? 252 ? 'X-RAY DIFFRACTION' 
f_chiral_restr     0.066  ? ? 110 ? 'X-RAY DIFFRACTION' 
f_plane_restr      0.012  ? ? 23  ? 'X-RAY DIFFRACTION' 
# 
_refine_ls_shell.pdbx_total_number_of_bins_used   ? 
_refine_ls_shell.d_res_high                       1.952 
_refine_ls_shell.d_res_low                        2.1486 
_refine_ls_shell.number_reflns_R_work             179 
_refine_ls_shell.R_factor_R_work                  0.3766 
_refine_ls_shell.percent_reflns_obs               97.00 
_refine_ls_shell.R_factor_R_free                  0.4417 
_refine_ls_shell.R_factor_R_free_error            ? 
_refine_ls_shell.percent_reflns_R_free            ? 
_refine_ls_shell.number_reflns_R_free             129 
_refine_ls_shell.number_reflns_all                ? 
_refine_ls_shell.R_factor_all                     ? 
_refine_ls_shell.number_reflns_obs                1238 
_refine_ls_shell.redundancy_reflns_obs            ? 
_refine_ls_shell.pdbx_refine_id                   'X-RAY DIFFRACTION' 
# 
_struct.entry_id                  4E58 
_struct.title                     'Crystal structure of GCC(LCG)CCGC duplex containing LNA residue' 
_struct.pdbx_model_details        ? 
_struct.pdbx_CASP_flag            ? 
_struct.pdbx_model_type_details   ? 
# 
_struct_keywords.entry_id        4E58 
_struct_keywords.pdbx_keywords   RNA 
_struct_keywords.text            
;CCG repeats, 5' slippery duplexes, X-linked mental retardation, Huntington's disease, myotonic dystrophy type 1, LNA Guanosine, RNA
;
# 
loop_
_struct_asym.id 
_struct_asym.pdbx_blank_PDB_chainid_flag 
_struct_asym.pdbx_modified 
_struct_asym.entity_id 
_struct_asym.details 
A N N 1 ? 
B N N 1 ? 
C N N 1 ? 
D N N 2 ? 
E N N 2 ? 
F N N 3 ? 
G N N 3 ? 
H N N 3 ? 
# 
loop_
_struct_conn.id 
_struct_conn.conn_type_id 
_struct_conn.pdbx_leaving_atom_flag 
_struct_conn.pdbx_PDB_id 
_struct_conn.ptnr1_label_asym_id 
_struct_conn.ptnr1_label_comp_id 
_struct_conn.ptnr1_label_seq_id 
_struct_conn.ptnr1_label_atom_id 
_struct_conn.pdbx_ptnr1_label_alt_id 
_struct_conn.pdbx_ptnr1_PDB_ins_code 
_struct_conn.pdbx_ptnr1_standard_comp_id 
_struct_conn.ptnr1_symmetry 
_struct_conn.ptnr2_label_asym_id 
_struct_conn.ptnr2_label_comp_id 
_struct_conn.ptnr2_label_seq_id 
_struct_conn.ptnr2_label_atom_id 
_struct_conn.pdbx_ptnr2_label_alt_id 
_struct_conn.pdbx_ptnr2_PDB_ins_code 
_struct_conn.ptnr1_auth_asym_id 
_struct_conn.ptnr1_auth_comp_id 
_struct_conn.ptnr1_auth_seq_id 
_struct_conn.ptnr2_auth_asym_id 
_struct_conn.ptnr2_auth_comp_id 
_struct_conn.ptnr2_auth_seq_id 
_struct_conn.ptnr2_symmetry 
_struct_conn.pdbx_ptnr3_label_atom_id 
_struct_conn.pdbx_ptnr3_label_seq_id 
_struct_conn.pdbx_ptnr3_label_comp_id 
_struct_conn.pdbx_ptnr3_label_asym_id 
_struct_conn.pdbx_ptnr3_label_alt_id 
_struct_conn.pdbx_ptnr3_PDB_ins_code 
_struct_conn.details 
_struct_conn.pdbx_dist_value 
_struct_conn.pdbx_value_order 
_struct_conn.pdbx_role 
covale1  covale both ? A C   3 "O3'" ? ? ? 1_555 A LCG 4 P  ? ? C C   3 C LCG 4 1_555 ? ? ? ? ? ? ?             1.597 ? ? 
covale2  covale both ? A LCG 4 "O3'" ? ? ? 1_555 A C   5 P  ? ? C LCG 4 C C   5 1_555 ? ? ? ? ? ? ?             1.591 ? ? 
covale3  covale both ? B C   3 "O3'" ? ? ? 1_555 B LCG 4 P  ? ? E C   3 E LCG 4 1_555 ? ? ? ? ? ? ?             1.610 ? ? 
covale4  covale both ? B LCG 4 "O3'" ? ? ? 1_555 B C   5 P  ? ? E LCG 4 E C   5 1_555 ? ? ? ? ? ? ?             1.604 ? ? 
covale5  covale both ? C C   3 "O3'" ? ? ? 1_555 C LCG 4 P  ? ? D C   3 D LCG 4 1_555 ? ? ? ? ? ? ?             1.595 ? ? 
covale6  covale both ? C LCG 4 "O3'" ? ? ? 1_555 C C   5 P  ? ? D LCG 4 D C   5 1_555 ? ? ? ? ? ? ?             1.607 ? ? 
hydrog1  hydrog ?    ? A C   3 N3    ? ? ? 1_555 C G   7 N1 ? ? C C   3 D G   7 1_555 ? ? ? ? ? ? WATSON-CRICK  ?     ? ? 
hydrog2  hydrog ?    ? A C   3 N4    ? ? ? 1_555 C G   7 O6 ? ? C C   3 D G   7 1_555 ? ? ? ? ? ? WATSON-CRICK  ?     ? ? 
hydrog3  hydrog ?    ? A C   3 O2    ? ? ? 1_555 C G   7 N2 ? ? C C   3 D G   7 1_555 ? ? ? ? ? ? WATSON-CRICK  ?     ? ? 
hydrog4  hydrog ?    ? A LCG 4 N1    ? ? ? 1_555 C C   6 N3 ? ? C LCG 4 D C   6 1_555 ? ? ? ? ? ? WATSON-CRICK  ?     ? ? 
hydrog5  hydrog ?    ? A LCG 4 N2    ? ? ? 1_555 C C   6 O2 ? ? C LCG 4 D C   6 1_555 ? ? ? ? ? ? WATSON-CRICK  ?     ? ? 
hydrog6  hydrog ?    ? A LCG 4 O6    ? ? ? 1_555 C C   6 N4 ? ? C LCG 4 D C   6 1_555 ? ? ? ? ? ? WATSON-CRICK  ?     ? ? 
hydrog7  hydrog ?    ? A C   5 N4    ? ? ? 1_555 C LCG 4 O6 ? ? C C   5 D LCG 4 1_555 ? ? ? ? ? ? 'C-LCG PAIR'  ?     ? ? 
hydrog8  hydrog ?    ? A C   5 N3    ? ? ? 1_555 C C   5 N4 ? ? C C   5 D C   5 1_555 ? ? ? ? ? ? 'C-C MISPAIR' ?     ? ? 
hydrog9  hydrog ?    ? A C   6 N3    ? ? ? 1_555 C LCG 4 N1 ? ? C C   6 D LCG 4 1_555 ? ? ? ? ? ? WATSON-CRICK  ?     ? ? 
hydrog10 hydrog ?    ? A C   6 N4    ? ? ? 1_555 C LCG 4 O6 ? ? C C   6 D LCG 4 1_555 ? ? ? ? ? ? WATSON-CRICK  ?     ? ? 
hydrog11 hydrog ?    ? A C   6 O2    ? ? ? 1_555 C LCG 4 N2 ? ? C C   6 D LCG 4 1_555 ? ? ? ? ? ? WATSON-CRICK  ?     ? ? 
hydrog12 hydrog ?    ? A G   7 N1    ? ? ? 1_555 C C   3 N3 ? ? C G   7 D C   3 1_555 ? ? ? ? ? ? WATSON-CRICK  ?     ? ? 
hydrog13 hydrog ?    ? A G   7 N2    ? ? ? 1_555 C C   3 O2 ? ? C G   7 D C   3 1_555 ? ? ? ? ? ? WATSON-CRICK  ?     ? ? 
hydrog14 hydrog ?    ? A G   7 O6    ? ? ? 1_555 C C   3 N4 ? ? C G   7 D C   3 1_555 ? ? ? ? ? ? WATSON-CRICK  ?     ? ? 
hydrog15 hydrog ?    ? B G   1 N1    ? ? ? 1_555 C C   2 N3 ? ? E G   1 D C   2 1_555 ? ? ? ? ? ? WATSON-CRICK  ?     ? ? 
hydrog16 hydrog ?    ? B G   1 N2    ? ? ? 1_555 C C   2 O2 ? ? E G   1 D C   2 1_555 ? ? ? ? ? ? WATSON-CRICK  ?     ? ? 
hydrog17 hydrog ?    ? B G   1 O6    ? ? ? 1_555 C C   2 N4 ? ? E G   1 D C   2 1_555 ? ? ? ? ? ? WATSON-CRICK  ?     ? ? 
hydrog18 hydrog ?    ? B C   2 N3    ? ? ? 1_555 C G   1 N1 ? ? E C   2 D G   1 1_555 ? ? ? ? ? ? WATSON-CRICK  ?     ? ? 
hydrog19 hydrog ?    ? B C   2 N4    ? ? ? 1_555 C G   1 O6 ? ? E C   2 D G   1 1_555 ? ? ? ? ? ? WATSON-CRICK  ?     ? ? 
hydrog20 hydrog ?    ? B C   2 O2    ? ? ? 1_555 C G   1 N2 ? ? E C   2 D G   1 1_555 ? ? ? ? ? ? WATSON-CRICK  ?     ? ? 
# 
loop_
_struct_conn_type.id 
_struct_conn_type.criteria 
_struct_conn_type.reference 
covale ? ? 
hydrog ? ? 
# 
loop_
_struct_site.id 
_struct_site.pdbx_evidence_code 
_struct_site.pdbx_auth_asym_id 
_struct_site.pdbx_auth_comp_id 
_struct_site.pdbx_auth_seq_id 
_struct_site.pdbx_auth_ins_code 
_struct_site.pdbx_num_residues 
_struct_site.details 
AC1 Software C SO4 101 ? 3 'BINDING SITE FOR RESIDUE SO4 C 101' 
AC2 Software D SO4 101 ? 4 'BINDING SITE FOR RESIDUE SO4 D 101' 
# 
loop_
_struct_site_gen.id 
_struct_site_gen.site_id 
_struct_site_gen.pdbx_num_res 
_struct_site_gen.label_comp_id 
_struct_site_gen.label_asym_id 
_struct_site_gen.label_seq_id 
_struct_site_gen.pdbx_auth_ins_code 
_struct_site_gen.auth_comp_id 
_struct_site_gen.auth_asym_id 
_struct_site_gen.auth_seq_id 
_struct_site_gen.label_atom_id 
_struct_site_gen.label_alt_id 
_struct_site_gen.symmetry 
_struct_site_gen.details 
1 AC1 3 C   A 2 ? C   C 2   . ? 1_555 ? 
2 AC1 3 C   A 3 ? C   C 3   . ? 1_555 ? 
3 AC1 3 HOH F . ? HOH C 202 . ? 1_555 ? 
4 AC2 4 G   A 7 ? G   C 7   . ? 1_555 ? 
5 AC2 4 C   A 8 ? C   C 8   . ? 1_555 ? 
6 AC2 4 LCG C 4 ? LCG D 4   . ? 1_555 ? 
7 AC2 4 C   C 5 ? C   D 5   . ? 1_555 ? 
# 
_atom_sites.entry_id                    4E58 
_atom_sites.fract_transf_matrix[1][1]   0.01830077 
_atom_sites.fract_transf_matrix[1][2]   -0.01439703 
_atom_sites.fract_transf_matrix[1][3]   0.00492415 
_atom_sites.fract_transf_matrix[2][1]   0.01263635 
_atom_sites.fract_transf_matrix[2][2]   0.01867099 
_atom_sites.fract_transf_matrix[2][3]   0.00762606 
_atom_sites.fract_transf_matrix[3][1]   -0.00436128 
_atom_sites.fract_transf_matrix[3][2]   -0.00167202 
_atom_sites.fract_transf_matrix[3][3]   0.01132025 
_atom_sites.fract_transf_vector[1]      -0.095506 
_atom_sites.fract_transf_vector[2]      0.371847 
_atom_sites.fract_transf_vector[3]      0.125892 
# 
loop_
_atom_type.symbol 
C 
N 
O 
P 
S 
# 
loop_
_atom_site.group_PDB 
_atom_site.id 
_atom_site.type_symbol 
_atom_site.label_atom_id 
_atom_site.label_alt_id 
_atom_site.label_comp_id 
_atom_site.label_asym_id 
_atom_site.label_entity_id 
_atom_site.label_seq_id 
_atom_site.pdbx_PDB_ins_code 
_atom_site.Cartn_x 
_atom_site.Cartn_y 
_atom_site.Cartn_z 
_atom_site.occupancy 
_atom_site.B_iso_or_equiv 
_atom_site.pdbx_formal_charge 
_atom_site.auth_seq_id 
_atom_site.auth_comp_id 
_atom_site.auth_asym_id 
_atom_site.auth_atom_id 
_atom_site.pdbx_PDB_model_num 
ATOM   1   O "O5'" . G   A 1 1 ? 3.268   15.696  -6.941  1.00 57.75 ? 1   G   C "O5'" 1 
ATOM   2   C "C5'" . G   A 1 1 ? 3.711   14.936  -5.814  1.00 58.79 ? 1   G   C "C5'" 1 
ATOM   3   C "C4'" . G   A 1 1 ? 4.781   15.676  -5.047  1.00 55.57 ? 1   G   C "C4'" 1 
ATOM   4   O "O4'" . G   A 1 1 ? 4.279   16.976  -4.651  1.00 57.39 ? 1   G   C "O4'" 1 
ATOM   5   C "C3'" . G   A 1 1 ? 5.256   15.026  -3.752  1.00 58.78 ? 1   G   C "C3'" 1 
ATOM   6   O "O3'" . G   A 1 1 ? 6.295   14.097  -3.961  1.00 57.58 ? 1   G   C "O3'" 1 
ATOM   7   C "C2'" . G   A 1 1 ? 5.690   16.217  -2.916  1.00 61.06 ? 1   G   C "C2'" 1 
ATOM   8   O "O2'" . G   A 1 1 ? 6.965   16.671  -3.342  1.00 60.07 ? 1   G   C "O2'" 1 
ATOM   9   C "C1'" . G   A 1 1 ? 4.651   17.258  -3.324  1.00 56.79 ? 1   G   C "C1'" 1 
ATOM   10  N N9    . G   A 1 1 ? 3.436   17.196  -2.490  1.00 55.66 ? 1   G   C N9    1 
ATOM   11  C C8    . G   A 1 1 ? 2.161   16.955  -2.951  1.00 54.48 ? 1   G   C C8    1 
ATOM   12  N N7    . G   A 1 1 ? 1.246   16.972  -2.015  1.00 50.59 ? 1   G   C N7    1 
ATOM   13  C C5    . G   A 1 1 ? 1.986   17.241  -0.855  1.00 52.43 ? 1   G   C C5    1 
ATOM   14  C C6    . G   A 1 1 ? 1.541   17.391  0.479   1.00 49.72 ? 1   G   C C6    1 
ATOM   15  O O6    . G   A 1 1 ? 0.354   17.286  0.872   1.00 50.42 ? 1   G   C O6    1 
ATOM   16  N N1    . G   A 1 1 ? 2.603   17.674  1.360   1.00 49.78 ? 1   G   C N1    1 
ATOM   17  C C2    . G   A 1 1 ? 3.924   17.802  0.973   1.00 56.31 ? 1   G   C C2    1 
ATOM   18  N N2    . G   A 1 1 ? 4.856   18.070  1.902   1.00 51.82 ? 1   G   C N2    1 
ATOM   19  N N3    . G   A 1 1 ? 4.335   17.660  -0.283  1.00 54.70 ? 1   G   C N3    1 
ATOM   20  C C4    . G   A 1 1 ? 3.322   17.391  -1.126  1.00 51.50 ? 1   G   C C4    1 
ATOM   21  P P     . C   A 1 2 ? 6.276   12.695  -3.209  1.00 61.48 ? 2   C   C P     1 
ATOM   22  O OP1   . C   A 1 2 ? 7.360   11.870  -3.790  1.00 63.75 ? 2   C   C OP1   1 
ATOM   23  O OP2   . C   A 1 2 ? 4.882   12.185  -3.261  1.00 65.24 ? 2   C   C OP2   1 
ATOM   24  O "O5'" . C   A 1 2 ? 6.667   13.098  -1.716  1.00 64.26 ? 2   C   C "O5'" 1 
ATOM   25  C "C5'" . C   A 1 2 ? 7.948   13.643  -1.420  1.00 60.49 ? 2   C   C "C5'" 1 
ATOM   26  C "C4'" . C   A 1 2 ? 8.054   14.057  0.033   1.00 62.66 ? 2   C   C "C4'" 1 
ATOM   27  O "O4'" . C   A 1 2 ? 7.134   15.154  0.295   1.00 64.11 ? 2   C   C "O4'" 1 
ATOM   28  C "C3'" . C   A 1 2 ? 7.661   13.007  1.063   1.00 56.93 ? 2   C   C "C3'" 1 
ATOM   29  O "O3'" . C   A 1 2 ? 8.687   12.065  1.340   1.00 55.50 ? 2   C   C "O3'" 1 
ATOM   30  C "C2'" . C   A 1 2 ? 7.288   13.853  2.257   1.00 54.21 ? 2   C   C "C2'" 1 
ATOM   31  O "O2'" . C   A 1 2 ? 8.449   14.350  2.895   1.00 64.25 ? 2   C   C "O2'" 1 
ATOM   32  C "C1'" . C   A 1 2 ? 6.578   15.017  1.580   1.00 53.71 ? 2   C   C "C1'" 1 
ATOM   33  N N1    . C   A 1 2 ? 5.124   14.758  1.445   1.00 53.24 ? 2   C   C N1    1 
ATOM   34  C C2    . C   A 1 2 ? 4.369   14.789  2.632   1.00 56.53 ? 2   C   C C2    1 
ATOM   35  O O2    . C   A 1 2 ? 4.951   15.042  3.731   1.00 53.60 ? 2   C   C O2    1 
ATOM   36  N N3    . C   A 1 2 ? 3.038   14.531  2.547   1.00 50.74 ? 2   C   C N3    1 
ATOM   37  C C4    . C   A 1 2 ? 2.444   14.262  1.397   1.00 49.33 ? 2   C   C C4    1 
ATOM   38  N N4    . C   A 1 2 ? 1.131   14.025  1.406   1.00 47.35 ? 2   C   C N4    1 
ATOM   39  C C5    . C   A 1 2 ? 3.189   14.231  0.174   1.00 55.32 ? 2   C   C C5    1 
ATOM   40  C C6    . C   A 1 2 ? 4.507   14.473  0.259   1.00 52.65 ? 2   C   C C6    1 
ATOM   41  P P     . C   A 1 3 ? 8.291   10.611  1.900   1.00 60.62 ? 3   C   C P     1 
ATOM   42  O OP1   . C   A 1 3 ? 9.547   9.862   2.118   1.00 56.89 ? 3   C   C OP1   1 
ATOM   43  O OP2   . C   A 1 3 ? 7.253   10.035  0.989   1.00 57.07 ? 3   C   C OP2   1 
ATOM   44  O "O5'" . C   A 1 3 ? 7.631   10.947  3.323   1.00 63.31 ? 3   C   C "O5'" 1 
ATOM   45  C "C5'" . C   A 1 3 ? 8.422   11.402  4.413   1.00 58.26 ? 3   C   C "C5'" 1 
ATOM   46  C "C4'" . C   A 1 3 ? 7.611   11.498  5.684   1.00 54.50 ? 3   C   C "C4'" 1 
ATOM   47  O "O4'" . C   A 1 3 ? 6.493   12.400  5.478   1.00 56.17 ? 3   C   C "O4'" 1 
ATOM   48  C "C3'" . C   A 1 3 ? 6.957   10.205  6.137   1.00 47.25 ? 3   C   C "C3'" 1 
ATOM   49  O "O3'" . C   A 1 3 ? 7.846   9.359   6.836   1.00 47.64 ? 3   C   C "O3'" 1 
ATOM   50  C "C2'" . C   A 1 3 ? 5.780   10.695  6.976   1.00 57.23 ? 3   C   C "C2'" 1 
ATOM   51  O "O2'" . C   A 1 3 ? 6.215   11.104  8.263   1.00 53.32 ? 3   C   C "O2'" 1 
ATOM   52  C "C1'" . C   A 1 3 ? 5.362   11.934  6.194   1.00 54.34 ? 3   C   C "C1'" 1 
ATOM   53  N N1    . C   A 1 3 ? 4.245   11.653  5.239   1.00 53.95 ? 3   C   C N1    1 
ATOM   54  C C2    . C   A 1 3 ? 2.960   11.521  5.787   1.00 50.39 ? 3   C   C C2    1 
ATOM   55  O O2    . C   A 1 3 ? 2.820   11.614  7.026   1.00 49.31 ? 3   C   C O2    1 
ATOM   56  N N3    . C   A 1 3 ? 1.906   11.281  4.973   1.00 50.22 ? 3   C   C N3    1 
ATOM   57  C C4    . C   A 1 3 ? 2.060   11.163  3.651   1.00 51.64 ? 3   C   C C4    1 
ATOM   58  N N4    . C   A 1 3 ? 0.982   10.910  2.897   1.00 43.52 ? 3   C   C N4    1 
ATOM   59  C C5    . C   A 1 3 ? 3.348   11.294  3.065   1.00 49.18 ? 3   C   C C5    1 
ATOM   60  C C6    . C   A 1 3 ? 4.395   11.524  3.882   1.00 54.81 ? 3   C   C C6    1 
HETATM 61  P P     . LCG A 1 4 ? 7.772   7.776   6.636   1.00 59.90 ? 4   LCG C P     1 
HETATM 62  O OP1   . LCG A 1 4 ? 7.630   7.505   5.166   1.00 53.54 ? 4   LCG C OP1   1 
HETATM 63  O "O5'" . LCG A 1 4 ? 6.364   7.374   7.254   1.00 54.01 ? 4   LCG C "O5'" 1 
HETATM 64  C "C5'" . LCG A 1 4 ? 6.066   7.754   8.627   1.00 52.03 ? 4   LCG C "C5'" 1 
HETATM 65  C "C3'" . LCG A 1 4 ? 3.970   6.207   8.356   1.00 51.41 ? 4   LCG C "C3'" 1 
HETATM 66  C "C6'" . LCG A 1 4 ? 4.203   7.395   10.374  1.00 54.43 ? 4   LCG C "C6'" 1 
HETATM 67  N N9    . LCG A 1 4 ? 2.074   8.068   6.879   1.00 48.46 ? 4   LCG C N9    1 
HETATM 68  C C8    . LCG A 1 4 ? 2.829   8.092   5.734   1.00 52.39 ? 4   LCG C C8    1 
HETATM 69  C C4    . LCG A 1 4 ? 0.760   8.109   6.479   1.00 49.71 ? 4   LCG C C4    1 
HETATM 70  N N7    . LCG A 1 4 ? 2.102   8.120   4.639   1.00 48.32 ? 4   LCG C N7    1 
HETATM 71  C C5    . LCG A 1 4 ? 0.782   8.124   5.103   1.00 45.45 ? 4   LCG C C5    1 
HETATM 72  C C6    . LCG A 1 4 ? -0.448  8.161   4.414   1.00 45.65 ? 4   LCG C C6    1 
HETATM 73  C "C2'" . LCG A 1 4 ? 2.612   6.657   8.879   1.00 50.18 ? 4   LCG C "C2'" 1 
HETATM 74  O O6    . LCG A 1 4 ? -0.667  8.183   3.190   1.00 50.28 ? 4   LCG C O6    1 
HETATM 75  C "C4'" . LCG A 1 4 ? 4.627   7.480   8.909   1.00 45.82 ? 4   LCG C "C4'" 1 
HETATM 76  C "C1'" . LCG A 1 4 ? 2.517   8.052   8.273   1.00 50.43 ? 4   LCG C "C1'" 1 
HETATM 77  C C2    . LCG A 1 4 ? -1.451  8.143   6.647   1.00 46.67 ? 4   LCG C C2    1 
HETATM 78  N N1    . LCG A 1 4 ? -1.546  8.162   5.272   1.00 42.13 ? 4   LCG C N1    1 
HETATM 79  O "O4'" . LCG A 1 4 ? 3.822   8.571   8.368   1.00 45.71 ? 4   LCG C "O4'" 1 
HETATM 80  O OP2   . LCG A 1 4 ? 8.864   7.171   7.450   1.00 51.14 ? 4   LCG C OP2   1 
HETATM 81  N N2    . LCG A 1 4 ? -2.622  8.130   7.302   1.00 43.18 ? 4   LCG C N2    1 
HETATM 82  N N3    . LCG A 1 4 ? -0.306  8.107   7.311   1.00 43.30 ? 4   LCG C N3    1 
HETATM 83  O "O2'" . LCG A 1 4 ? 2.846   6.869   10.285  1.00 48.73 ? 4   LCG C "O2'" 1 
HETATM 84  O "O3'" . LCG A 1 4 ? 4.437   5.040   9.047   1.00 43.00 ? 4   LCG C "O3'" 1 
ATOM   85  P P     . C   A 1 5 ? 4.153   3.589   8.461   1.00 58.70 ? 5   C   C P     1 
ATOM   86  O OP1   . C   A 1 5 ? 4.763   2.620   9.394   1.00 64.09 ? 5   C   C OP1   1 
ATOM   87  O OP2   . C   A 1 5 ? 4.607   3.592   7.019   1.00 54.05 ? 5   C   C OP2   1 
ATOM   88  O "O5'" . C   A 1 5 ? 2.574   3.467   8.521   1.00 50.29 ? 5   C   C "O5'" 1 
ATOM   89  C "C5'" . C   A 1 5 ? 1.904   3.370   9.767   1.00 57.03 ? 5   C   C "C5'" 1 
ATOM   90  C "C4'" . C   A 1 5 ? 0.431   3.610   9.626   1.00 47.16 ? 5   C   C "C4'" 1 
ATOM   91  O "O4'" . C   A 1 5 ? 0.198   4.835   8.892   1.00 45.70 ? 5   C   C "O4'" 1 
ATOM   92  C "C3'" . C   A 1 5 ? -0.353  2.575   8.852   1.00 47.48 ? 5   C   C "C3'" 1 
ATOM   93  O "O3'" . C   A 1 5 ? -0.636  1.417   9.600   1.00 49.91 ? 5   C   C "O3'" 1 
ATOM   94  C "C2'" . C   A 1 5 ? -1.591  3.356   8.468   1.00 44.77 ? 5   C   C "C2'" 1 
ATOM   95  O "O2'" . C   A 1 5 ? -2.458  3.505   9.589   1.00 49.77 ? 5   C   C "O2'" 1 
ATOM   96  C "C1'" . C   A 1 5 ? -0.985  4.710   8.132   1.00 43.95 ? 5   C   C "C1'" 1 
ATOM   97  N N1    . C   A 1 5 ? -0.632  4.785   6.676   1.00 48.42 ? 5   C   C N1    1 
ATOM   98  C C2    . C   A 1 5 ? -1.678  4.828   5.728   1.00 49.57 ? 5   C   C C2    1 
ATOM   99  O O2    . C   A 1 5 ? -2.865  4.829   6.109   1.00 39.55 ? 5   C   C O2    1 
ATOM   100 N N3    . C   A 1 5 ? -1.384  4.858   4.398   1.00 47.72 ? 5   C   C N3    1 
ATOM   101 C C4    . C   A 1 5 ? -0.101  4.868   4.009   1.00 44.21 ? 5   C   C C4    1 
ATOM   102 N N4    . C   A 1 5 ? 0.139   4.920   2.702   1.00 52.55 ? 5   C   C N4    1 
ATOM   103 C C5    . C   A 1 5 ? 0.983   4.827   4.933   1.00 51.28 ? 5   C   C C5    1 
ATOM   104 C C6    . C   A 1 5 ? 0.666   4.783   6.258   1.00 48.21 ? 5   C   C C6    1 
ATOM   105 P P     . C   A 1 6 ? -0.541  -0.026  8.916   1.00 54.04 ? 6   C   C P     1 
ATOM   106 O OP1   . C   A 1 6 ? -0.360  -1.034  10.026  1.00 50.79 ? 6   C   C OP1   1 
ATOM   107 O OP2   . C   A 1 6 ? 0.500   0.067   7.867   1.00 61.70 ? 6   C   C OP2   1 
ATOM   108 O "O5'" . C   A 1 6 ? -1.964  -0.205  8.260   1.00 45.85 ? 6   C   C "O5'" 1 
ATOM   109 C "C5'" . C   A 1 6 ? -3.139  0.088   8.971   1.00 48.31 ? 6   C   C "C5'" 1 
ATOM   110 C "C4'" . C   A 1 6 ? -4.308  0.222   8.047   1.00 47.25 ? 6   C   C "C4'" 1 
ATOM   111 O "O4'" . C   A 1 6 ? -4.090  1.355   7.167   1.00 49.25 ? 6   C   C "O4'" 1 
ATOM   112 C "C3'" . C   A 1 6 ? -4.539  -0.955  7.111   1.00 50.58 ? 6   C   C "C3'" 1 
ATOM   113 O "O3'" . C   A 1 6 ? -5.311  -1.984  7.712   1.00 53.05 ? 6   C   C "O3'" 1 
ATOM   114 C "C2'" . C   A 1 6 ? -5.217  -0.314  5.893   1.00 45.22 ? 6   C   C "C2'" 1 
ATOM   115 O "O2'" . C   A 1 6 ? -6.606  -0.202  6.106   1.00 43.36 ? 6   C   C "O2'" 1 
ATOM   116 C "C1'" . C   A 1 6 ? -4.621  1.091   5.883   1.00 43.23 ? 6   C   C "C1'" 1 
ATOM   117 N N1    . C   A 1 6 ? -3.531  1.272   4.875   1.00 45.55 ? 6   C   C N1    1 
ATOM   118 C C2    . C   A 1 6 ? -3.836  1.505   3.515   1.00 43.47 ? 6   C   C C2    1 
ATOM   119 O O2    . C   A 1 6 ? -5.035  1.504   3.187   1.00 46.39 ? 6   C   C O2    1 
ATOM   120 N N3    . C   A 1 6 ? -2.820  1.722   2.635   1.00 49.32 ? 6   C   C N3    1 
ATOM   121 C C4    . C   A 1 6 ? -1.548  1.714   3.045   1.00 46.19 ? 6   C   C C4    1 
ATOM   122 N N4    . C   A 1 6 ? -0.547  1.921   2.191   1.00 45.88 ? 6   C   C N4    1 
ATOM   123 C C5    . C   A 1 6 ? -1.216  1.492   4.416   1.00 49.49 ? 6   C   C C5    1 
ATOM   124 C C6    . C   A 1 6 ? -2.229  1.293   5.272   1.00 41.82 ? 6   C   C C6    1 
ATOM   125 P P     . G   A 1 7 ? -4.978  -3.538  7.432   1.00 57.46 ? 7   G   C P     1 
ATOM   126 O OP1   . G   A 1 7 ? -5.886  -4.341  8.282   1.00 55.20 ? 7   G   C OP1   1 
ATOM   127 O OP2   . G   A 1 7 ? -3.500  -3.704  7.558   1.00 48.46 ? 7   G   C OP2   1 
ATOM   128 O "O5'" . G   A 1 7 ? -5.401  -3.723  5.905   1.00 58.51 ? 7   G   C "O5'" 1 
ATOM   129 C "C5'" . G   A 1 7 ? -6.749  -3.547  5.484   1.00 51.58 ? 7   G   C "C5'" 1 
ATOM   130 C "C4'" . G   A 1 7 ? -6.862  -3.724  3.985   1.00 53.37 ? 7   G   C "C4'" 1 
ATOM   131 O "O4'" . G   A 1 7 ? -6.174  -2.617  3.307   1.00 55.75 ? 7   G   C "O4'" 1 
ATOM   132 C "C3'" . G   A 1 7 ? -6.201  -5.006  3.448   1.00 57.24 ? 7   G   C "C3'" 1 
ATOM   133 O "O3'" . G   A 1 7 ? -6.954  -5.503  2.357   1.00 55.07 ? 7   G   C "O3'" 1 
ATOM   134 C "C2'" . G   A 1 7 ? -4.878  -4.487  2.930   1.00 55.57 ? 7   G   C "C2'" 1 
ATOM   135 O "O2'" . G   A 1 7 ? -4.226  -5.322  1.986   1.00 55.10 ? 7   G   C "O2'" 1 
ATOM   136 C "C1'" . G   A 1 7 ? -5.340  -3.178  2.324   1.00 54.57 ? 7   G   C "C1'" 1 
ATOM   137 N N9    . G   A 1 7 ? -4.254  -2.279  1.974   1.00 47.08 ? 7   G   C N9    1 
ATOM   138 C C8    . G   A 1 7 ? -3.056  -2.150  2.614   1.00 45.65 ? 7   G   C C8    1 
ATOM   139 N N7    . G   A 1 7 ? -2.243  -1.343  1.986   1.00 51.56 ? 7   G   C N7    1 
ATOM   140 C C5    . G   A 1 7 ? -2.919  -1.006  0.809   1.00 48.14 ? 7   G   C C5    1 
ATOM   141 C C6    . G   A 1 7 ? -2.495  -0.196  -0.262  1.00 45.84 ? 7   G   C C6    1 
ATOM   142 O O6    . G   A 1 7 ? -1.404  0.383   -0.340  1.00 48.05 ? 7   G   C O6    1 
ATOM   143 N N1    . G   A 1 7 ? -3.465  -0.076  -1.272  1.00 46.92 ? 7   G   C N1    1 
ATOM   144 C C2    . G   A 1 7 ? -4.689  -0.708  -1.211  1.00 50.46 ? 7   G   C C2    1 
ATOM   145 N N2    . G   A 1 7 ? -5.506  -0.495  -2.263  1.00 42.28 ? 7   G   C N2    1 
ATOM   146 N N3    . G   A 1 7 ? -5.098  -1.483  -0.196  1.00 46.21 ? 7   G   C N3    1 
ATOM   147 C C4    . G   A 1 7 ? -4.153  -1.591  0.764   1.00 48.30 ? 7   G   C C4    1 
ATOM   148 P P     . C   A 1 8 ? -8.113  -6.553  2.629   1.00 63.00 ? 8   C   C P     1 
ATOM   149 O OP1   . C   A 1 8 ? -8.219  -6.704  4.099   1.00 69.69 ? 8   C   C OP1   1 
ATOM   150 O OP2   . C   A 1 8 ? -7.818  -7.748  1.816   1.00 59.88 ? 8   C   C OP2   1 
ATOM   151 O "O5'" . C   A 1 8 ? -9.401  -5.821  2.066   1.00 63.92 ? 8   C   C "O5'" 1 
ATOM   152 C "C5'" . C   A 1 8 ? -9.955  -4.717  2.752   1.00 63.98 ? 8   C   C "C5'" 1 
ATOM   153 C "C4'" . C   A 1 8 ? -11.000 -4.002  1.933   1.00 61.46 ? 8   C   C "C4'" 1 
ATOM   154 O "O4'" . C   A 1 8 ? -11.071 -2.626  2.392   1.00 65.50 ? 8   C   C "O4'" 1 
ATOM   155 C "C3'" . C   A 1 8 ? -10.723 -3.927  0.427   1.00 69.87 ? 8   C   C "C3'" 1 
ATOM   156 O "O3'" . C   A 1 8 ? -11.967 -3.836  -0.278  1.00 70.25 ? 8   C   C "O3'" 1 
ATOM   157 C "C2'" . C   A 1 8 ? -9.977  -2.604  0.303   1.00 64.18 ? 8   C   C "C2'" 1 
ATOM   158 O "O2'" . C   A 1 8 ? -10.023 -2.022  -0.978  1.00 73.21 ? 8   C   C "O2'" 1 
ATOM   159 C "C1'" . C   A 1 8 ? -10.704 -1.742  1.341   1.00 68.22 ? 8   C   C "C1'" 1 
ATOM   160 N N1    . C   A 1 8 ? -9.858  -0.653  1.911   1.00 63.13 ? 8   C   C N1    1 
ATOM   161 C C2    . C   A 1 8 ? -10.337 0.670   2.019   1.00 63.16 ? 8   C   C C2    1 
ATOM   162 O O2    . C   A 1 8 ? -11.496 0.932   1.669   1.00 66.64 ? 8   C   C O2    1 
ATOM   163 N N3    . C   A 1 8 ? -9.526  1.635   2.532   1.00 52.41 ? 8   C   C N3    1 
ATOM   164 C C4    . C   A 1 8 ? -8.267  1.307   2.899   1.00 58.23 ? 8   C   C C4    1 
ATOM   165 N N4    . C   A 1 8 ? -7.454  2.252   3.391   1.00 51.18 ? 8   C   C N4    1 
ATOM   166 C C5    . C   A 1 8 ? -7.758  -0.023  2.796   1.00 54.52 ? 8   C   C C5    1 
ATOM   167 C C6    . C   A 1 8 ? -8.579  -0.954  2.293   1.00 54.99 ? 8   C   C C6    1 
ATOM   168 O "O5'" . G   B 1 1 ? -7.428  -8.437  -0.692  1.00 55.45 ? 1   G   E "O5'" 1 
ATOM   169 C "C5'" . G   B 1 1 ? -8.726  -8.273  -1.241  1.00 51.97 ? 1   G   E "C5'" 1 
ATOM   170 C "C4'" . G   B 1 1 ? -8.690  -7.432  -2.487  1.00 52.17 ? 1   G   E "C4'" 1 
ATOM   171 O "O4'" . G   B 1 1 ? -8.466  -6.043  -2.147  1.00 55.27 ? 1   G   E "O4'" 1 
ATOM   172 C "C3'" . G   B 1 1 ? -7.592  -7.769  -3.477  1.00 50.52 ? 1   G   E "C3'" 1 
ATOM   173 O "O3'" . G   B 1 1 ? -7.957  -8.859  -4.307  1.00 50.94 ? 1   G   E "O3'" 1 
ATOM   174 C "C2'" . G   B 1 1 ? -7.433  -6.460  -4.237  1.00 49.51 ? 1   G   E "C2'" 1 
ATOM   175 O "O2'" . G   B 1 1 ? -8.490  -6.311  -5.189  1.00 53.44 ? 1   G   E "O2'" 1 
ATOM   176 C "C1'" . G   B 1 1 ? -7.650  -5.436  -3.120  1.00 52.47 ? 1   G   E "C1'" 1 
ATOM   177 N N9    . G   B 1 1 ? -6.392  -5.046  -2.474  1.00 52.51 ? 1   G   E N9    1 
ATOM   178 C C8    . G   B 1 1 ? -6.041  -5.227  -1.157  1.00 53.59 ? 1   G   E C8    1 
ATOM   179 N N7    . G   B 1 1 ? -4.852  -4.773  -0.868  1.00 49.58 ? 1   G   E N7    1 
ATOM   180 C C5    . G   B 1 1 ? -4.413  -4.235  -2.064  1.00 47.75 ? 1   G   E C5    1 
ATOM   181 C C6    . G   B 1 1 ? -3.190  -3.599  -2.384  1.00 51.80 ? 1   G   E C6    1 
ATOM   182 O O6    . G   B 1 1 ? -2.215  -3.369  -1.661  1.00 44.46 ? 1   G   E O6    1 
ATOM   183 N N1    . G   B 1 1 ? -3.153  -3.237  -3.728  1.00 45.41 ? 1   G   E N1    1 
ATOM   184 C C2    . G   B 1 1 ? -4.169  -3.445  -4.626  1.00 48.16 ? 1   G   E C2    1 
ATOM   185 N N2    . G   B 1 1 ? -3.963  -3.015  -5.869  1.00 44.34 ? 1   G   E N2    1 
ATOM   186 N N3    . G   B 1 1 ? -5.318  -4.027  -4.348  1.00 48.98 ? 1   G   E N3    1 
ATOM   187 C C4    . G   B 1 1 ? -5.350  -4.395  -3.058  1.00 49.99 ? 1   G   E C4    1 
ATOM   188 P P     . C   B 1 2 ? -6.884  -9.971  -4.736  1.00 52.59 ? 2   C   E P     1 
ATOM   189 O OP1   . C   B 1 2 ? -7.643  -11.057 -5.387  1.00 60.65 ? 2   C   E OP1   1 
ATOM   190 O OP2   . C   B 1 2 ? -6.038  -10.295 -3.552  1.00 46.30 ? 2   C   E OP2   1 
ATOM   191 O "O5'" . C   B 1 2 ? -5.984  -9.205  -5.822  1.00 50.05 ? 2   C   E "O5'" 1 
ATOM   192 C "C5'" . C   B 1 2 ? -6.546  -8.625  -6.987  1.00 51.69 ? 2   C   E "C5'" 1 
ATOM   193 C "C4'" . C   B 1 2 ? -5.490  -7.882  -7.759  1.00 46.80 ? 2   C   E "C4'" 1 
ATOM   194 O "O4'" . C   B 1 2 ? -5.135  -6.667  -7.046  1.00 47.76 ? 2   C   E "O4'" 1 
ATOM   195 C "C3'" . C   B 1 2 ? -4.174  -8.611  -7.896  1.00 45.34 ? 2   C   E "C3'" 1 
ATOM   196 O "O3'" . C   B 1 2 ? -4.189  -9.581  -8.943  1.00 43.56 ? 2   C   E "O3'" 1 
ATOM   197 C "C2'" . C   B 1 2 ? -3.181  -7.471  -8.107  1.00 46.01 ? 2   C   E "C2'" 1 
ATOM   198 O "O2'" . C   B 1 2 ? -3.265  -6.958  -9.431  1.00 52.03 ? 2   C   E "O2'" 1 
ATOM   199 C "C1'" . C   B 1 2 ? -3.750  -6.423  -7.166  1.00 44.85 ? 2   C   E "C1'" 1 
ATOM   200 N N1    . C   B 1 2 ? -3.150  -6.497  -5.832  1.00 44.51 ? 2   C   E N1    1 
ATOM   201 C C2    . C   B 1 2 ? -1.895  -5.923  -5.655  1.00 46.44 ? 2   C   E C2    1 
ATOM   202 O O2    . C   B 1 2 ? -1.356  -5.407  -6.654  1.00 45.91 ? 2   C   E O2    1 
ATOM   203 N N3    . C   B 1 2 ? -1.320  -5.925  -4.431  1.00 41.82 ? 2   C   E N3    1 
ATOM   204 C C4    . C   B 1 2 ? -1.945  -6.497  -3.411  1.00 48.74 ? 2   C   E C4    1 
ATOM   205 N N4    . C   B 1 2 ? -1.323  -6.476  -2.231  1.00 44.36 ? 2   C   E N4    1 
ATOM   206 C C5    . C   B 1 2 ? -3.239  -7.084  -3.554  1.00 45.68 ? 2   C   E C5    1 
ATOM   207 C C6    . C   B 1 2 ? -3.803  -7.070  -4.769  1.00 48.66 ? 2   C   E C6    1 
ATOM   208 P P     . C   B 1 3 ? -3.217  -10.838 -8.891  1.00 45.46 ? 3   C   E P     1 
ATOM   209 O OP1   . C   B 1 3 ? -3.604  -11.697 -10.026 1.00 45.76 ? 3   C   E OP1   1 
ATOM   210 O OP2   . C   B 1 3 ? -3.284  -11.411 -7.530  1.00 54.38 ? 3   C   E OP2   1 
ATOM   211 O "O5'" . C   B 1 3 ? -1.760  -10.199 -9.111  1.00 42.68 ? 3   C   E "O5'" 1 
ATOM   212 C "C5'" . C   B 1 3 ? -1.411  -9.552  -10.316 1.00 48.11 ? 3   C   E "C5'" 1 
ATOM   213 C "C4'" . C   B 1 3 ? 0.003   -9.016  -10.265 1.00 41.47 ? 3   C   E "C4'" 1 
ATOM   214 O "O4'" . C   B 1 3 ? 0.091   -7.930  -9.294  1.00 36.12 ? 3   C   E "O4'" 1 
ATOM   215 C "C3'" . C   B 1 3 ? 1.082   -9.984  -9.833  1.00 43.44 ? 3   C   E "C3'" 1 
ATOM   216 O "O3'" . C   B 1 3 ? 1.533   -10.845 -10.879 1.00 41.05 ? 3   C   E "O3'" 1 
ATOM   217 C "C2'" . C   B 1 3 ? 2.161   -9.059  -9.311  1.00 42.42 ? 3   C   E "C2'" 1 
ATOM   218 O "O2'" . C   B 1 3 ? 2.891   -8.479  -10.374 1.00 48.40 ? 3   C   E "O2'" 1 
ATOM   219 C "C1'" . C   B 1 3 ? 1.340   -7.968  -8.654  1.00 44.48 ? 3   C   E "C1'" 1 
ATOM   220 N N1    . C   B 1 3 ? 1.124   -8.238  -7.211  1.00 38.68 ? 3   C   E N1    1 
ATOM   221 C C2    . C   B 1 3 ? 2.173   -7.936  -6.349  1.00 44.06 ? 3   C   E C2    1 
ATOM   222 O O2    . C   B 1 3 ? 3.190   -7.483  -6.854  1.00 41.94 ? 3   C   E O2    1 
ATOM   223 N N3    . C   B 1 3 ? 2.045   -8.126  -4.993  1.00 40.00 ? 3   C   E N3    1 
ATOM   224 C C4    . C   B 1 3 ? 0.922   -8.644  -4.517  1.00 39.67 ? 3   C   E C4    1 
ATOM   225 N N4    . C   B 1 3 ? 0.838   -8.830  -3.159  1.00 44.19 ? 3   C   E N4    1 
ATOM   226 C C5    . C   B 1 3 ? -0.173  -8.966  -5.373  1.00 43.01 ? 3   C   E C5    1 
ATOM   227 C C6    . C   B 1 3 ? -0.055  -8.755  -6.726  1.00 41.18 ? 3   C   E C6    1 
HETATM 228 P P     . LCG B 1 4 ? 2.036   -12.336 -10.541 1.00 50.92 ? 4   LCG E P     1 
HETATM 229 O OP1   . LCG B 1 4 ? 1.031   -12.963 -9.649  1.00 46.60 ? 4   LCG E OP1   1 
HETATM 230 O "O5'" . LCG B 1 4 ? 3.389   -12.131 -9.756  1.00 42.27 ? 4   LCG E "O5'" 1 
HETATM 231 C "C5'" . LCG B 1 4 ? 4.444   -11.422 -10.312 1.00 48.51 ? 4   LCG E "C5'" 1 
HETATM 232 C "C3'" . LCG B 1 4 ? 5.908   -12.290 -8.330  1.00 50.11 ? 4   LCG E "C3'" 1 
HETATM 233 C "C6'" . LCG B 1 4 ? 6.821   -10.621 -9.777  1.00 45.67 ? 4   LCG E "C6'" 1 
HETATM 234 N N9    . LCG B 1 4 ? 4.866   -10.561 -6.066  1.00 42.06 ? 4   LCG E N9    1 
HETATM 235 C C8    . LCG B 1 4 ? 3.555   -10.929 -6.105  1.00 44.12 ? 4   LCG E C8    1 
HETATM 236 C C4    . LCG B 1 4 ? 5.159   -10.415 -4.733  1.00 41.89 ? 4   LCG E C4    1 
HETATM 237 N N7    . LCG B 1 4 ? 3.010   -11.038 -4.907  1.00 44.30 ? 4   LCG E N7    1 
HETATM 238 C C5    . LCG B 1 4 ? 4.023   -10.717 -4.029  1.00 41.39 ? 4   LCG E C5    1 
HETATM 239 C C6    . LCG B 1 4 ? 4.046   -10.681 -2.608  1.00 44.08 ? 4   LCG E C6    1 
HETATM 240 C "C2'" . LCG B 1 4 ? 6.821   -11.350 -7.566  1.00 46.27 ? 4   LCG E "C2'" 1 
HETATM 241 O O6    . LCG B 1 4 ? 3.072   -10.933 -1.839  1.00 41.22 ? 4   LCG E O6    1 
HETATM 242 C "C4'" . LCG B 1 4 ? 5.476   -11.155 -9.269  1.00 43.85 ? 4   LCG E "C4'" 1 
HETATM 243 C "C1'" . LCG B 1 4 ? 5.799   -10.281 -7.195  1.00 44.91 ? 4   LCG E "C1'" 1 
HETATM 244 C C2    . LCG B 1 4 ? 6.393   -10.024 -2.937  1.00 45.51 ? 4   LCG E C2    1 
HETATM 245 N N1    . LCG B 1 4 ? 5.297   -10.300 -2.138  1.00 40.18 ? 4   LCG E N1    1 
HETATM 246 O "O4'" . LCG B 1 4 ? 4.993   -10.122 -8.350  1.00 46.96 ? 4   LCG E "O4'" 1 
HETATM 247 O OP2   . LCG B 1 4 ? 2.272   -13.050 -11.819 1.00 49.58 ? 4   LCG E OP2   1 
HETATM 248 N N2    . LCG B 1 4 ? 7.548   -9.672  -2.372  1.00 44.92 ? 4   LCG E N2    1 
HETATM 249 N N3    . LCG B 1 4 ? 6.359   -10.065 -4.249  1.00 41.78 ? 4   LCG E N3    1 
HETATM 250 O "O2'" . LCG B 1 4 ? 7.679   -10.855 -8.630  1.00 56.19 ? 4   LCG E "O2'" 1 
HETATM 251 O "O3'" . LCG B 1 4 ? 6.725   -13.233 -9.009  1.00 55.58 ? 4   LCG E "O3'" 1 
ATOM   252 P P     . C   B 1 5 ? 6.873   -14.732 -8.456  1.00 62.31 ? 5   C   E P     1 
ATOM   253 O OP1   . C   B 1 5 ? 7.521   -15.516 -9.531  1.00 63.29 ? 5   C   E OP1   1 
ATOM   254 O OP2   . C   B 1 5 ? 5.546   -15.160 -7.972  1.00 58.71 ? 5   C   E OP2   1 
ATOM   255 O "O5'" . C   B 1 5 ? 7.880   -14.553 -7.227  1.00 49.34 ? 5   C   E "O5'" 1 
ATOM   256 C "C5'" . C   B 1 5 ? 9.228   -14.174 -7.468  1.00 56.90 ? 5   C   E "C5'" 1 
ATOM   257 C "C4'" . C   B 1 5 ? 9.907   -13.671 -6.225  1.00 57.20 ? 5   C   E "C4'" 1 
ATOM   258 O "O4'" . C   B 1 5 ? 9.094   -12.652 -5.603  1.00 56.53 ? 5   C   E "O4'" 1 
ATOM   259 C "C3'" . C   B 1 5 ? 10.140  -14.701 -5.127  1.00 52.97 ? 5   C   E "C3'" 1 
ATOM   260 O "O3'" . C   B 1 5 ? 11.313  -15.464 -5.330  1.00 58.53 ? 5   C   E "O3'" 1 
ATOM   261 C "C2'" . C   B 1 5 ? 10.182  -13.851 -3.864  1.00 52.19 ? 5   C   E "C2'" 1 
ATOM   262 O "O2'" . C   B 1 5 ? 11.448  -13.248 -3.695  1.00 60.48 ? 5   C   E "O2'" 1 
ATOM   263 C "C1'" . C   B 1 5 ? 9.164   -12.766 -4.189  1.00 54.57 ? 5   C   E "C1'" 1 
ATOM   264 N N1    . C   B 1 5 ? 7.814   -13.117 -3.677  1.00 47.69 ? 5   C   E N1    1 
ATOM   265 C C2    . C   B 1 5 ? 7.547   -13.098 -2.303  1.00 48.07 ? 5   C   E C2    1 
ATOM   266 O O2    . C   B 1 5 ? 8.452   -12.752 -1.532  1.00 51.35 ? 5   C   E O2    1 
ATOM   267 N N3    . C   B 1 5 ? 6.309   -13.428 -1.846  1.00 45.67 ? 5   C   E N3    1 
ATOM   268 C C4    . C   B 1 5 ? 5.348   -13.801 -2.705  1.00 40.57 ? 5   C   E C4    1 
ATOM   269 N N4    . C   B 1 5 ? 4.101   -14.140 -2.280  1.00 49.02 ? 5   C   E N4    1 
ATOM   270 C C5    . C   B 1 5 ? 5.599   -13.836 -4.111  1.00 50.67 ? 5   C   E C5    1 
ATOM   271 C C6    . C   B 1 5 ? 6.838   -13.506 -4.547  1.00 48.24 ? 5   C   E C6    1 
ATOM   272 P P     . C   B 1 6 ? 11.288  -17.067 -5.194  1.00 65.99 ? 6   C   E P     1 
ATOM   273 O OP1   . C   B 1 6 ? 12.549  -17.577 -5.777  1.00 62.43 ? 6   C   E OP1   1 
ATOM   274 O OP2   . C   B 1 6 ? 9.996   -17.550 -5.755  1.00 62.38 ? 6   C   E OP2   1 
ATOM   275 O "O5'" . C   B 1 6 ? 11.310  -17.276 -3.635  1.00 54.15 ? 6   C   E "O5'" 1 
ATOM   276 C "C5'" . C   B 1 6 ? 12.343  -16.722 -2.839  1.00 55.49 ? 6   C   E "C5'" 1 
ATOM   277 C "C4'" . C   B 1 6 ? 11.913  -16.582 -1.399  1.00 59.49 ? 6   C   E "C4'" 1 
ATOM   278 O "O4'" . C   B 1 6 ? 10.767  -15.697 -1.315  1.00 62.57 ? 6   C   E "O4'" 1 
ATOM   279 C "C3'" . C   B 1 6 ? 11.423  -17.846 -0.701  1.00 63.37 ? 6   C   E "C3'" 1 
ATOM   280 O "O3'" . C   B 1 6 ? 12.463  -18.711 -0.282  1.00 71.75 ? 6   C   E "O3'" 1 
ATOM   281 C "C2'" . C   B 1 6 ? 10.613  -17.277 0.450   1.00 59.23 ? 6   C   E "C2'" 1 
ATOM   282 O "O2'" . C   B 1 6 ? 11.470  -16.769 1.459   1.00 59.79 ? 6   C   E "O2'" 1 
ATOM   283 C "C1'" . C   B 1 6 ? 9.938   -16.094 -0.225  1.00 53.95 ? 6   C   E "C1'" 1 
ATOM   284 N N1    . C   B 1 6 ? 8.579   -16.424 -0.736  1.00 46.89 ? 6   C   E N1    1 
ATOM   285 C C2    . C   B 1 6 ? 7.498   -16.322 0.139   1.00 49.96 ? 6   C   E C2    1 
ATOM   286 O O2    . C   B 1 6 ? 7.722   -15.997 1.317   1.00 47.07 ? 6   C   E O2    1 
ATOM   287 N N3    . C   B 1 6 ? 6.250   -16.568 -0.316  1.00 43.83 ? 6   C   E N3    1 
ATOM   288 C C4    . C   B 1 6 ? 6.031   -16.926 -1.572  1.00 45.42 ? 6   C   E C4    1 
ATOM   289 N N4    . C   B 1 6 ? 4.774   -17.173 -1.960  1.00 40.18 ? 6   C   E N4    1 
ATOM   290 C C5    . C   B 1 6 ? 7.109   -17.047 -2.501  1.00 45.13 ? 6   C   E C5    1 
ATOM   291 C C6    . C   B 1 6 ? 8.336   -16.786 -2.032  1.00 51.40 ? 6   C   E C6    1 
ATOM   292 P P     . G   B 1 7 ? 12.200  -20.300 -0.169  1.00 76.66 ? 7   G   E P     1 
ATOM   293 O OP1   . G   B 1 7 ? 13.509  -20.937 0.102   1.00 82.54 ? 7   G   E OP1   1 
ATOM   294 O OP2   . G   B 1 7 ? 11.438  -20.722 -1.385  1.00 72.23 ? 7   G   E OP2   1 
ATOM   295 O "O5'" . G   B 1 7 ? 11.281  -20.412 1.113   1.00 65.46 ? 7   G   E "O5'" 1 
ATOM   296 C "C5'" . G   B 1 7 ? 11.769  -20.031 2.389   1.00 64.33 ? 7   G   E "C5'" 1 
ATOM   297 C "C4'" . G   B 1 7 ? 10.767  -20.355 3.461   1.00 64.08 ? 7   G   E "C4'" 1 
ATOM   298 O "O4'" . G   B 1 7 ? 9.668   -19.425 3.391   1.00 60.67 ? 7   G   E "O4'" 1 
ATOM   299 C "C3'" . G   B 1 7 ? 10.114  -21.718 3.351   1.00 63.84 ? 7   G   E "C3'" 1 
ATOM   300 O "O3'" . G   B 1 7 ? 10.923  -22.740 3.910   1.00 68.59 ? 7   G   E "O3'" 1 
ATOM   301 C "C2'" . G   B 1 7 ? 8.799   -21.517 4.080   1.00 64.63 ? 7   G   E "C2'" 1 
ATOM   302 O "O2'" . G   B 1 7 ? 9.002   -21.590 5.484   1.00 65.70 ? 7   G   E "O2'" 1 
ATOM   303 C "C1'" . G   B 1 7 ? 8.466   -20.066 3.724   1.00 57.65 ? 7   G   E "C1'" 1 
ATOM   304 N N9    . G   B 1 7 ? 7.530   -19.945 2.580   1.00 51.97 ? 7   G   E N9    1 
ATOM   305 C C8    . G   B 1 7 ? 7.828   -19.823 1.244   1.00 55.37 ? 7   G   E C8    1 
ATOM   306 N N7    . G   B 1 7 ? 6.775   -19.707 0.473   1.00 54.79 ? 7   G   E N7    1 
ATOM   307 C C5    . G   B 1 7 ? 5.710   -19.752 1.378   1.00 50.69 ? 7   G   E C5    1 
ATOM   308 C C6    . G   B 1 7 ? 4.321   -19.669 1.137   1.00 48.23 ? 7   G   E C6    1 
ATOM   309 O O6    . G   B 1 7 ? 3.714   -19.522 0.053   1.00 39.54 ? 7   G   E O6    1 
ATOM   310 N N1    . G   B 1 7 ? 3.583   -19.730 2.328   1.00 41.54 ? 7   G   E N1    1 
ATOM   311 C C2    . G   B 1 7 ? 4.135   -19.891 3.565   1.00 47.82 ? 7   G   E C2    1 
ATOM   312 N N2    . G   B 1 7 ? 3.222   -19.943 4.531   1.00 45.23 ? 7   G   E N2    1 
ATOM   313 N N3    . G   B 1 7 ? 5.433   -19.960 3.813   1.00 47.67 ? 7   G   E N3    1 
ATOM   314 C C4    . G   B 1 7 ? 6.155   -19.872 2.671   1.00 51.53 ? 7   G   E C4    1 
ATOM   315 P P     . C   B 1 8 ? 11.026  -24.177 3.216   0.37 66.46 ? 8   C   E P     1 
ATOM   316 O OP1   . C   B 1 8 ? 11.309  -25.159 4.294   1.00 75.05 ? 8   C   E OP1   1 
ATOM   317 O OP2   . C   B 1 8 ? 11.933  -24.057 2.024   1.00 72.72 ? 8   C   E OP2   1 
ATOM   318 O "O5'" . C   B 1 8 ? 9.563   -24.433 2.672   1.00 64.42 ? 8   C   E "O5'" 1 
ATOM   319 C "C5'" . C   B 1 8 ? 9.432   -25.440 1.670   1.00 67.04 ? 8   C   E "C5'" 1 
ATOM   320 O "O5'" . G   C 1 1 ? 6.492   0.321   -2.632  1.00 69.34 ? 1   G   D "O5'" 1 
ATOM   321 C "C5'" . G   C 1 1 ? 7.615   -0.004  -3.457  1.00 70.54 ? 1   G   D "C5'" 1 
ATOM   322 C "C4'" . G   C 1 1 ? 7.220   -0.866  -4.639  1.00 64.08 ? 1   G   D "C4'" 1 
ATOM   323 O "O4'" . G   C 1 1 ? 7.036   -2.241  -4.201  1.00 63.49 ? 1   G   D "O4'" 1 
ATOM   324 C "C3'" . G   C 1 1 ? 5.902   -0.508  -5.318  1.00 62.96 ? 1   G   D "C3'" 1 
ATOM   325 O "O3'" . G   C 1 1 ? 6.028   0.535   -6.269  1.00 60.55 ? 1   G   D "O3'" 1 
ATOM   326 C "C2'" . G   C 1 1 ? 5.469   -1.830  -5.935  1.00 58.52 ? 1   G   D "C2'" 1 
ATOM   327 O "O2'" . G   C 1 1 ? 6.147   -2.052  -7.146  1.00 59.41 ? 1   G   D "O2'" 1 
ATOM   328 C "C1'" . G   C 1 1 ? 5.977   -2.838  -4.909  1.00 53.69 ? 1   G   D "C1'" 1 
ATOM   329 N N9    . G   C 1 1 ? 4.926   -3.226  -3.953  1.00 51.27 ? 1   G   D N9    1 
ATOM   330 C C8    . G   C 1 1 ? 4.962   -3.184  -2.569  1.00 55.30 ? 1   G   D C8    1 
ATOM   331 N N7    . G   C 1 1 ? 3.854   -3.600  -2.012  1.00 51.95 ? 1   G   D N7    1 
ATOM   332 C C5    . G   C 1 1 ? 3.043   -3.952  -3.082  1.00 50.06 ? 1   G   D C5    1 
ATOM   333 C C6    . G   C 1 1 ? 1.731   -4.474  -3.103  1.00 48.40 ? 1   G   D C6    1 
ATOM   334 O O6    . G   C 1 1 ? 0.983   -4.752  -2.150  1.00 47.76 ? 1   G   D O6    1 
ATOM   335 N N1    . G   C 1 1 ? 1.298   -4.685  -4.424  1.00 46.17 ? 1   G   D N1    1 
ATOM   336 C C2    . G   C 1 1 ? 2.026   -4.399  -5.566  1.00 50.03 ? 1   G   D C2    1 
ATOM   337 N N2    . G   C 1 1 ? 1.434   -4.636  -6.736  1.00 42.50 ? 1   G   D N2    1 
ATOM   338 N N3    . G   C 1 1 ? 3.238   -3.906  -5.554  1.00 49.37 ? 1   G   D N3    1 
ATOM   339 C C4    . G   C 1 1 ? 3.687   -3.720  -4.289  1.00 49.21 ? 1   G   D C4    1 
ATOM   340 P P     . C   C 1 2 ? 4.917   1.681   -6.361  1.00 62.20 ? 2   C   D P     1 
ATOM   341 O OP1   . C   C 1 2 ? 5.462   2.737   -7.229  1.00 61.34 ? 2   C   D OP1   1 
ATOM   342 O OP2   . C   C 1 2 ? 4.534   2.030   -4.972  1.00 63.65 ? 2   C   D OP2   1 
ATOM   343 O "O5'" . C   C 1 2 ? 3.694   0.962   -7.087  1.00 56.43 ? 2   C   D "O5'" 1 
ATOM   344 C "C5'" . C   C 1 2 ? 3.805   0.498   -8.423  1.00 49.41 ? 2   C   D "C5'" 1 
ATOM   345 C "C4'" . C   C 1 2 ? 2.531   -0.151  -8.888  1.00 44.79 ? 2   C   D "C4'" 1 
ATOM   346 O "O4'" . C   C 1 2 ? 2.276   -1.354  -8.090  1.00 50.02 ? 2   C   D "O4'" 1 
ATOM   347 C "C3'" . C   C 1 2 ? 1.265   0.686   -8.746  1.00 47.90 ? 2   C   D "C3'" 1 
ATOM   348 O "O3'" . C   C 1 2 ? 1.056   1.564   -9.838  1.00 48.89 ? 2   C   D "O3'" 1 
ATOM   349 C "C2'" . C   C 1 2 ? 0.164   -0.363  -8.595  1.00 48.74 ? 2   C   D "C2'" 1 
ATOM   350 O "O2'" . C   C 1 2 ? -0.277  -0.836  -9.860  1.00 51.18 ? 2   C   D "O2'" 1 
ATOM   351 C "C1'" . C   C 1 2 ? 0.890   -1.499  -7.871  1.00 44.15 ? 2   C   D "C1'" 1 
ATOM   352 N N1    . C   C 1 2 ? 0.646   -1.483  -6.393  1.00 49.93 ? 2   C   D N1    1 
ATOM   353 C C2    . C   C 1 2 ? -0.583  -1.880  -5.885  1.00 47.81 ? 2   C   D C2    1 
ATOM   354 O O2    . C   C 1 2 ? -1.466  -2.181  -6.684  1.00 47.08 ? 2   C   D O2    1 
ATOM   355 N N3    . C   C 1 2 ? -0.816  -1.905  -4.524  1.00 45.95 ? 2   C   D N3    1 
ATOM   356 C C4    . C   C 1 2 ? 0.167   -1.596  -3.686  1.00 48.29 ? 2   C   D C4    1 
ATOM   357 N N4    . C   C 1 2 ? -0.089  -1.643  -2.347  1.00 43.25 ? 2   C   D N4    1 
ATOM   358 C C5    . C   C 1 2 ? 1.440   -1.195  -4.191  1.00 48.65 ? 2   C   D C5    1 
ATOM   359 C C6    . C   C 1 2 ? 1.657   -1.163  -5.519  1.00 47.75 ? 2   C   D C6    1 
ATOM   360 P P     . C   C 1 3 ? 0.428   3.037   -9.630  1.00 51.56 ? 3   C   D P     1 
ATOM   361 O OP1   . C   C 1 3 ? 0.383   3.691   -10.970 1.00 57.52 ? 3   C   D OP1   1 
ATOM   362 O OP2   . C   C 1 3 ? 1.205   3.686   -8.565  1.00 49.99 ? 3   C   D OP2   1 
ATOM   363 O "O5'" . C   C 1 3 ? -1.045  2.745   -9.160  1.00 51.39 ? 3   C   D "O5'" 1 
ATOM   364 C "C5'" . C   C 1 3 ? -2.009  2.267   -10.076 1.00 49.52 ? 3   C   D "C5'" 1 
ATOM   365 C "C4'" . C   C 1 3 ? -3.266  1.855   -9.372  1.00 52.00 ? 3   C   D "C4'" 1 
ATOM   366 O "O4'" . C   C 1 3 ? -2.966  0.834   -8.391  1.00 52.07 ? 3   C   D "O4'" 1 
ATOM   367 C "C3'" . C   C 1 3 ? -3.955  2.943   -8.585  1.00 53.66 ? 3   C   D "C3'" 1 
ATOM   368 O "O3'" . C   C 1 3 ? -4.785  3.732   -9.403  1.00 62.11 ? 3   C   D "O3'" 1 
ATOM   369 C "C2'" . C   C 1 3 ? -4.723  2.168   -7.526  1.00 54.46 ? 3   C   D "C2'" 1 
ATOM   370 O "O2'" . C   C 1 3 ? -5.949  1.677   -8.051  1.00 56.22 ? 3   C   D "O2'" 1 
ATOM   371 C "C1'" . C   C 1 3 ? -3.792  0.984   -7.266  1.00 47.43 ? 3   C   D "C1'" 1 
ATOM   372 N N1    . C   C 1 3 ? -2.919  1.187   -6.090  1.00 43.57 ? 3   C   D N1    1 
ATOM   373 C C2    . C   C 1 3 ? -3.375  0.892   -4.773  1.00 45.94 ? 3   C   D C2    1 
ATOM   374 O O2    . C   C 1 3 ? -4.535  0.539   -4.611  1.00 45.53 ? 3   C   D O2    1 
ATOM   375 N N3    . C   C 1 3 ? -2.494  1.066   -3.748  1.00 40.44 ? 3   C   D N3    1 
ATOM   376 C C4    . C   C 1 3 ? -1.243  1.459   -3.957  1.00 44.22 ? 3   C   D C4    1 
ATOM   377 N N4    . C   C 1 3 ? -0.472  1.568   -2.859  1.00 48.24 ? 3   C   D N4    1 
ATOM   378 C C5    . C   C 1 3 ? -0.760  1.726   -5.244  1.00 45.78 ? 3   C   D C5    1 
ATOM   379 C C6    . C   C 1 3 ? -1.624  1.575   -6.257  1.00 45.05 ? 3   C   D C6    1 
HETATM 380 P P     . LCG C 1 4 ? -4.668  5.322   -9.364  1.00 63.85 ? 4   LCG D P     1 
HETATM 381 O OP1   . LCG C 1 4 ? -3.253  5.666   -9.061  1.00 52.89 ? 4   LCG D OP1   1 
HETATM 382 O "O5'" . LCG C 1 4 ? -5.682  5.725   -8.216  1.00 56.88 ? 4   LCG D "O5'" 1 
HETATM 383 C "C5'" . LCG C 1 4 ? -5.181  6.281   -7.031  1.00 57.27 ? 4   LCG D "C5'" 1 
HETATM 384 C "C3'" . LCG C 1 4 ? -5.903  6.430   -4.591  1.00 56.05 ? 4   LCG D "C3'" 1 
HETATM 385 C "C6'" . LCG C 1 4 ? -7.344  5.196   -6.028  1.00 57.24 ? 4   LCG D "C6'" 1 
HETATM 386 N N9    . LCG C 1 4 ? -4.301  4.181   -3.466  1.00 49.70 ? 4   LCG D N9    1 
HETATM 387 C C8    . LCG C 1 4 ? -3.088  4.721   -3.843  1.00 45.15 ? 4   LCG D C8    1 
HETATM 388 C C4    . LCG C 1 4 ? -4.089  3.699   -2.193  1.00 46.56 ? 4   LCG D C4    1 
HETATM 389 N N7    . LCG C 1 4 ? -2.144  4.607   -2.932  1.00 44.64 ? 4   LCG D N7    1 
HETATM 390 C C5    . LCG C 1 4 ? -2.773  3.962   -1.867  1.00 49.24 ? 4   LCG D C5    1 
HETATM 391 C C6    . LCG C 1 4 ? -2.287  3.590   -0.577  1.00 46.35 ? 4   LCG D C6    1 
HETATM 392 C "C2'" . LCG C 1 4 ? -6.563  5.250   -3.881  1.00 52.38 ? 4   LCG D "C2'" 1 
HETATM 393 O O6    . LCG C 1 4 ? -1.142  3.713   -0.122  1.00 40.18 ? 4   LCG D O6    1 
HETATM 394 C "C4'" . LCG C 1 4 ? -5.892  5.630   -5.893  1.00 56.30 ? 4   LCG D "C4'" 1 
HETATM 395 C "C1'" . LCG C 1 4 ? -5.565  4.125   -4.202  1.00 51.46 ? 4   LCG D "C1'" 1 
HETATM 396 C C2    . LCG C 1 4 ? -4.560  2.768   -0.291  1.00 47.25 ? 4   LCG D C2    1 
HETATM 397 N N1    . LCG C 1 4 ? -3.283  2.978   0.154   1.00 41.29 ? 4   LCG D N1    1 
HETATM 398 O "O4'" . LCG C 1 4 ? -5.222  4.393   -5.549  1.00 59.20 ? 4   LCG D "O4'" 1 
HETATM 399 O OP2   . LCG C 1 4 ? -5.351  5.855   -10.571 1.00 65.87 ? 4   LCG D OP2   1 
HETATM 400 N N2    . LCG C 1 4 ? -5.397  2.185   0.550   1.00 42.65 ? 4   LCG D N2    1 
HETATM 401 N N3    . LCG C 1 4 ? -5.029  3.105   -1.479  1.00 43.62 ? 4   LCG D N3    1 
HETATM 402 O "O2'" . LCG C 1 4 ? -7.769  5.034   -4.654  1.00 58.44 ? 4   LCG D "O2'" 1 
HETATM 403 O "O3'" . LCG C 1 4 ? -6.729  7.600   -4.759  1.00 59.26 ? 4   LCG D "O3'" 1 
ATOM   404 P P     . C   C 1 5 ? -6.656  8.791   -3.683  1.00 62.51 ? 5   C   D P     1 
ATOM   405 O OP1   . C   C 1 5 ? -7.416  9.938   -4.231  1.00 52.32 ? 5   C   D OP1   1 
ATOM   406 O OP2   . C   C 1 5 ? -5.223  8.978   -3.316  1.00 56.26 ? 5   C   D OP2   1 
ATOM   407 O "O5'" . C   C 1 5 ? -7.447  8.166   -2.463  1.00 52.75 ? 5   C   D "O5'" 1 
ATOM   408 C "C5'" . C   C 1 5 ? -8.775  7.714   -2.632  1.00 51.15 ? 5   C   D "C5'" 1 
ATOM   409 C "C4'" . C   C 1 5 ? -9.242  6.954   -1.426  1.00 48.52 ? 5   C   D "C4'" 1 
ATOM   410 O "O4'" . C   C 1 5 ? -8.378  5.821   -1.208  1.00 49.71 ? 5   C   D "O4'" 1 
ATOM   411 C "C3'" . C   C 1 5 ? -9.205  7.696   -0.087  1.00 49.92 ? 5   C   D "C3'" 1 
ATOM   412 O "O3'" . C   C 1 5 ? -10.302 8.573   0.084   1.00 45.82 ? 5   C   D "O3'" 1 
ATOM   413 C "C2'" . C   C 1 5 ? -9.217  6.533   0.894   1.00 41.72 ? 5   C   D "C2'" 1 
ATOM   414 O "O2'" . C   C 1 5 ? -10.496 5.962   0.943   1.00 45.72 ? 5   C   D "O2'" 1 
ATOM   415 C "C1'" . C   C 1 5 ? -8.307  5.539   0.186   1.00 43.13 ? 5   C   D "C1'" 1 
ATOM   416 N N1    . C   C 1 5 ? -6.916  5.663   0.623   1.00 42.55 ? 5   C   D N1    1 
ATOM   417 C C2    . C   C 1 5 ? -6.605  5.169   1.909   1.00 42.29 ? 5   C   D C2    1 
ATOM   418 O O2    . C   C 1 5 ? -7.533  4.684   2.532   1.00 40.99 ? 5   C   D O2    1 
ATOM   419 N N3    . C   C 1 5 ? -5.352  5.227   2.366   1.00 39.15 ? 5   C   D N3    1 
ATOM   420 C C4    . C   C 1 5 ? -4.407  5.761   1.616   1.00 41.08 ? 5   C   D C4    1 
ATOM   421 N N4    . C   C 1 5 ? -3.169  5.822   2.065   1.00 42.58 ? 5   C   D N4    1 
ATOM   422 C C5    . C   C 1 5 ? -4.680  6.257   0.302   1.00 43.04 ? 5   C   D C5    1 
ATOM   423 C C6    . C   C 1 5 ? -5.935  6.194   -0.124  1.00 44.09 ? 5   C   D C6    1 
ATOM   424 P P     . C   C 1 6 ? -10.128 10.022  0.765   1.00 48.74 ? 6   C   D P     1 
ATOM   425 O OP1   . C   C 1 6 ? -11.473 10.639  0.777   1.00 47.70 ? 6   C   D OP1   1 
ATOM   426 O OP2   . C   C 1 6 ? -9.031  10.734  0.091   1.00 42.44 ? 6   C   D OP2   1 
ATOM   427 O "O5'" . C   C 1 6 ? -9.654  9.692   2.272   1.00 47.54 ? 6   C   D "O5'" 1 
ATOM   428 C "C5'" . C   C 1 6 ? -10.451 8.949   3.163   1.00 45.50 ? 6   C   D "C5'" 1 
ATOM   429 C "C4'" . C   C 1 6 ? -9.680  8.669   4.438   1.00 43.16 ? 6   C   D "C4'" 1 
ATOM   430 O "O4'" . C   C 1 6 ? -8.592  7.750   4.156   1.00 42.43 ? 6   C   D "O4'" 1 
ATOM   431 C "C3'" . C   C 1 6 ? -8.968  9.858   5.053   1.00 40.80 ? 6   C   D "C3'" 1 
ATOM   432 O "O3'" . C   C 1 6 ? -9.837  10.710  5.789   1.00 45.91 ? 6   C   D "O3'" 1 
ATOM   433 C "C2'" . C   C 1 6 ? -7.910  9.179   5.900   1.00 47.88 ? 6   C   D "C2'" 1 
ATOM   434 O "O2'" . C   C 1 6 ? -8.495  8.580   7.026   1.00 42.91 ? 6   C   D "O2'" 1 
ATOM   435 C "C1'" . C   C 1 6 ? -7.492  8.050   4.975   1.00 42.61 ? 6   C   D "C1'" 1 
ATOM   436 N N1    . C   C 1 6 ? -6.339  8.402   4.143   1.00 38.93 ? 6   C   D N1    1 
ATOM   437 C C2    . C   C 1 6 ? -5.049  8.297   4.706   1.00 42.37 ? 6   C   D C2    1 
ATOM   438 O O2    . C   C 1 6 ? -4.905  7.999   5.934   1.00 45.84 ? 6   C   D O2    1 
ATOM   439 N N3    . C   C 1 6 ? -3.957  8.572   3.954   1.00 41.16 ? 6   C   D N3    1 
ATOM   440 C C4    . C   C 1 6 ? -4.115  8.881   2.659   1.00 43.28 ? 6   C   D C4    1 
ATOM   441 N N4    . C   C 1 6 ? -3.000  9.136   1.952   1.00 40.04 ? 6   C   D N4    1 
ATOM   442 C C5    . C   C 1 6 ? -5.394  8.986   2.068   1.00 38.88 ? 6   C   D C5    1 
ATOM   443 C C6    . C   C 1 6 ? -6.483  8.709   2.806   1.00 48.38 ? 6   C   D C6    1 
ATOM   444 P P     . G   C 1 7 ? -9.477  12.248  5.989   1.00 48.33 ? 7   G   D P     1 
ATOM   445 O OP1   . G   C 1 7 ? -10.699 12.899  6.503   1.00 49.09 ? 7   G   D OP1   1 
ATOM   446 O OP2   . G   C 1 7 ? -8.871  12.734  4.721   1.00 51.79 ? 7   G   D OP2   1 
ATOM   447 O "O5'" . G   C 1 7 ? -8.344  12.219  7.112   1.00 50.54 ? 7   G   D "O5'" 1 
ATOM   448 C "C5'" . G   C 1 7 ? -8.638  11.934  8.467   1.00 47.98 ? 7   G   D "C5'" 1 
ATOM   449 C "C4'" . G   C 1 7 ? -7.430  12.182  9.343   1.00 52.76 ? 7   G   D "C4'" 1 
ATOM   450 O "O4'" . G   C 1 7 ? -6.275  11.513  8.750   1.00 42.89 ? 7   G   D "O4'" 1 
ATOM   451 C "C3'" . G   C 1 7 ? -7.025  13.654  9.494   1.00 47.53 ? 7   G   D "C3'" 1 
ATOM   452 O "O3'" . G   C 1 7 ? -6.313  13.823  10.716  1.00 52.65 ? 7   G   D "O3'" 1 
ATOM   453 C "C2'" . G   C 1 7 ? -6.035  13.802  8.358   1.00 46.72 ? 7   G   D "C2'" 1 
ATOM   454 O "O2'" . G   C 1 7 ? -5.163  14.889  8.479   1.00 46.59 ? 7   G   D "O2'" 1 
ATOM   455 C "C1'" . G   C 1 7 ? -5.289  12.478  8.446   1.00 47.46 ? 7   G   D "C1'" 1 
ATOM   456 N N9    . G   C 1 7 ? -4.603  12.113  7.186   1.00 47.22 ? 7   G   D N9    1 
ATOM   457 C C8    . G   C 1 7 ? -5.190  12.046  5.942   1.00 51.65 ? 7   G   D C8    1 
ATOM   458 N N7    . G   C 1 7 ? -4.339  11.764  4.977   1.00 42.35 ? 7   G   D N7    1 
ATOM   459 C C5    . G   C 1 7 ? -3.111  11.662  5.618   1.00 36.40 ? 7   G   D C5    1 
ATOM   460 C C6    . G   C 1 7 ? -1.814  11.384  5.061   1.00 50.72 ? 7   G   D C6    1 
ATOM   461 O O6    . G   C 1 7 ? -1.540  11.181  3.852   1.00 44.39 ? 7   G   D O6    1 
ATOM   462 N N1    . G   C 1 7 ? -0.804  11.399  6.024   1.00 47.29 ? 7   G   D N1    1 
ATOM   463 C C2    . G   C 1 7 ? -1.045  11.633  7.375   1.00 52.00 ? 7   G   D C2    1 
ATOM   464 N N2    . G   C 1 7 ? 0.019   11.588  8.206   1.00 43.81 ? 7   G   D N2    1 
ATOM   465 N N3    . G   C 1 7 ? -2.256  11.875  7.888   1.00 48.07 ? 7   G   D N3    1 
ATOM   466 C C4    . G   C 1 7 ? -3.249  11.912  6.968   1.00 49.69 ? 7   G   D C4    1 
ATOM   467 P P     . C   C 1 8 ? -7.066  14.165  12.086  1.00 52.89 ? 8   C   D P     1 
ATOM   468 O OP1   . C   C 1 8 ? -8.502  13.886  11.886  1.00 49.90 ? 8   C   D OP1   1 
ATOM   469 O OP2   . C   C 1 8 ? -6.649  15.534  12.459  1.00 63.89 ? 8   C   D OP2   1 
ATOM   470 O "O5'" . C   C 1 8 ? -6.418  13.124  13.114  1.00 53.44 ? 8   C   D "O5'" 1 
ATOM   471 C "C5'" . C   C 1 8 ? -6.337  11.726  12.841  1.00 49.10 ? 8   C   D "C5'" 1 
ATOM   472 C "C4'" . C   C 1 8 ? -5.112  11.351  11.987  1.00 42.12 ? 8   C   D "C4'" 1 
ATOM   473 O "O4'" . C   C 1 8 ? -4.263  12.493  11.733  1.00 45.95 ? 8   C   D "O4'" 1 
ATOM   474 C "C3'" . C   C 1 8 ? -4.159  10.345  12.583  1.00 42.98 ? 8   C   D "C3'" 1 
ATOM   475 O "O3'" . C   C 1 8 ? -4.675  9.025   12.569  1.00 45.51 ? 8   C   D "O3'" 1 
ATOM   476 C "C2'" . C   C 1 8 ? -2.921  10.515  11.715  1.00 50.97 ? 8   C   D "C2'" 1 
ATOM   477 O "O2'" . C   C 1 8 ? -3.077  9.805   10.495  1.00 49.98 ? 8   C   D "O2'" 1 
ATOM   478 C "C1'" . C   C 1 8 ? -2.948  12.026  11.418  1.00 51.08 ? 8   C   D "C1'" 1 
ATOM   479 N N1    . C   C 1 8 ? -1.936  12.769  12.239  1.00 51.20 ? 8   C   D N1    1 
ATOM   480 C C2    . C   C 1 8 ? -0.561  12.655  12.009  1.00 59.34 ? 8   C   D C2    1 
ATOM   481 O O2    . C   C 1 8 ? -0.129  11.980  11.071  1.00 54.55 ? 8   C   D O2    1 
ATOM   482 N N3    . C   C 1 8 ? 0.323   13.328  12.827  1.00 56.64 ? 8   C   D N3    1 
ATOM   483 C C4    . C   C 1 8 ? -0.129  14.075  13.832  1.00 59.25 ? 8   C   D C4    1 
ATOM   484 N N4    . C   C 1 8 ? 0.737   14.725  14.618  1.00 61.09 ? 8   C   D N4    1 
ATOM   485 C C5    . C   C 1 8 ? -1.514  14.184  14.089  1.00 54.32 ? 8   C   D C5    1 
ATOM   486 C C6    . C   C 1 8 ? -2.366  13.518  13.290  1.00 55.41 ? 8   C   D C6    1 
HETATM 487 S S     . SO4 D 2 . ? -0.023  11.638  -1.363  0.65 72.03 ? 101 SO4 C S     1 
HETATM 488 O O1    . SO4 D 2 . ? 0.303   10.805  -0.190  0.65 58.40 ? 101 SO4 C O1    1 
HETATM 489 O O2    . SO4 D 2 . ? 1.216   12.161  -1.953  0.65 60.77 ? 101 SO4 C O2    1 
HETATM 490 O O3    . SO4 D 2 . ? -0.725  10.805  -2.343  0.65 60.72 ? 101 SO4 C O3    1 
HETATM 491 O O4    . SO4 D 2 . ? -0.870  12.771  -0.995  0.65 59.74 ? 101 SO4 C O4    1 
HETATM 492 S S     . SO4 E 2 . ? -8.764  1.968   -1.896  0.60 72.69 ? 101 SO4 D S     1 
HETATM 493 O O1    . SO4 E 2 . ? -8.133  2.887   -2.850  0.60 55.55 ? 101 SO4 D O1    1 
HETATM 494 O O2    . SO4 E 2 . ? -10.052 2.493   -1.413  0.60 61.25 ? 101 SO4 D O2    1 
HETATM 495 O O3    . SO4 E 2 . ? -9.013  0.685   -2.564  0.60 68.14 ? 101 SO4 D O3    1 
HETATM 496 O O4    . SO4 E 2 . ? -7.845  1.762   -0.772  0.60 54.34 ? 101 SO4 D O4    1 
HETATM 497 O O     . HOH F 3 . ? -1.772  -3.755  9.652   1.00 53.97 ? 201 HOH C O     1 
HETATM 498 O O     . HOH F 3 . ? -3.221  9.993   -0.931  1.00 51.50 ? 202 HOH C O     1 
HETATM 499 O O     . HOH F 3 . ? 3.316   7.556   1.854   1.00 48.89 ? 203 HOH C O     1 
HETATM 500 O O     . HOH F 3 . ? 3.456   3.529   1.527   1.00 49.91 ? 204 HOH C O     1 
HETATM 501 O O     . HOH G 3 . ? -1.379  -10.316 -2.424  1.00 50.36 ? 101 HOH E O     1 
HETATM 502 O O     . HOH G 3 . ? 1.730   -18.209 -4.502  1.00 60.29 ? 102 HOH E O     1 
HETATM 503 O O     . HOH G 3 . ? 5.420   -7.766  -10.982 1.00 50.95 ? 103 HOH E O     1 
HETATM 504 O O     . HOH G 3 . ? 5.828   -20.848 6.831   1.00 53.60 ? 104 HOH E O     1 
HETATM 505 O O     . HOH G 3 . ? 9.466   -8.618  -4.979  1.00 62.39 ? 105 HOH E O     1 
HETATM 506 O O     . HOH G 3 . ? 12.180  -25.779 -0.366  1.00 66.02 ? 106 HOH E O     1 
HETATM 507 O O     . HOH G 3 . ? 0.801   -12.745 -4.806  1.00 53.08 ? 107 HOH E O     1 
HETATM 508 O O     . HOH H 3 . ? -2.449  -2.493  -9.480  1.00 50.77 ? 201 HOH D O     1 
HETATM 509 O O     . HOH H 3 . ? -0.917  6.541   -0.122  1.00 47.10 ? 202 HOH D O     1 
HETATM 510 O O     . HOH H 3 . ? 4.669   -4.094  -9.927  0.98 72.28 ? 203 HOH D O     1 
# 
loop_
_pdbx_poly_seq_scheme.asym_id 
_pdbx_poly_seq_scheme.entity_id 
_pdbx_poly_seq_scheme.seq_id 
_pdbx_poly_seq_scheme.mon_id 
_pdbx_poly_seq_scheme.ndb_seq_num 
_pdbx_poly_seq_scheme.pdb_seq_num 
_pdbx_poly_seq_scheme.auth_seq_num 
_pdbx_poly_seq_scheme.pdb_mon_id 
_pdbx_poly_seq_scheme.auth_mon_id 
_pdbx_poly_seq_scheme.pdb_strand_id 
_pdbx_poly_seq_scheme.pdb_ins_code 
_pdbx_poly_seq_scheme.hetero 
A 1 1 G   1 1 1 G   G   C . n 
A 1 2 C   2 2 2 C   C   C . n 
A 1 3 C   3 3 3 C   C   C . n 
A 1 4 LCG 4 4 4 LCG LCG C . n 
A 1 5 C   5 5 5 C   C   C . n 
A 1 6 C   6 6 6 C   C   C . n 
A 1 7 G   7 7 7 G   G   C . n 
A 1 8 C   8 8 8 C   C   C . n 
B 1 1 G   1 1 1 G   G   E . n 
B 1 2 C   2 2 2 C   C   E . n 
B 1 3 C   3 3 3 C   C   E . n 
B 1 4 LCG 4 4 4 LCG LCG E . n 
B 1 5 C   5 5 5 C   C   E . n 
B 1 6 C   6 6 6 C   C   E . n 
B 1 7 G   7 7 7 G   G   E . n 
B 1 8 C   8 8 8 C   C   E . n 
C 1 1 G   1 1 1 G   G   D . n 
C 1 2 C   2 2 2 C   C   D . n 
C 1 3 C   3 3 3 C   C   D . n 
C 1 4 LCG 4 4 4 LCG LCG D . n 
C 1 5 C   5 5 5 C   C   D . n 
C 1 6 C   6 6 6 C   C   D . n 
C 1 7 G   7 7 7 G   G   D . n 
C 1 8 C   8 8 8 C   C   D . n 
# 
loop_
_pdbx_nonpoly_scheme.asym_id 
_pdbx_nonpoly_scheme.entity_id 
_pdbx_nonpoly_scheme.mon_id 
_pdbx_nonpoly_scheme.ndb_seq_num 
_pdbx_nonpoly_scheme.pdb_seq_num 
_pdbx_nonpoly_scheme.auth_seq_num 
_pdbx_nonpoly_scheme.pdb_mon_id 
_pdbx_nonpoly_scheme.auth_mon_id 
_pdbx_nonpoly_scheme.pdb_strand_id 
_pdbx_nonpoly_scheme.pdb_ins_code 
D 2 SO4 1 101 1  SO4 SO4 C . 
E 2 SO4 1 101 2  SO4 SO4 D . 
F 3 HOH 1 201 3  HOH HOH C . 
F 3 HOH 2 202 6  HOH HOH C . 
F 3 HOH 3 203 11 HOH HOH C . 
F 3 HOH 4 204 13 HOH HOH C . 
G 3 HOH 1 101 2  HOH HOH E . 
G 3 HOH 2 102 7  HOH HOH E . 
G 3 HOH 3 103 10 HOH HOH E . 
G 3 HOH 4 104 16 HOH HOH E . 
G 3 HOH 5 105 17 HOH HOH E . 
G 3 HOH 6 106 18 HOH HOH E . 
G 3 HOH 7 107 19 HOH HOH E . 
H 3 HOH 1 201 8  HOH HOH D . 
H 3 HOH 2 202 9  HOH HOH D . 
H 3 HOH 3 203 15 HOH HOH D . 
# 
loop_
_pdbx_struct_mod_residue.id 
_pdbx_struct_mod_residue.label_asym_id 
_pdbx_struct_mod_residue.label_comp_id 
_pdbx_struct_mod_residue.label_seq_id 
_pdbx_struct_mod_residue.auth_asym_id 
_pdbx_struct_mod_residue.auth_comp_id 
_pdbx_struct_mod_residue.auth_seq_id 
_pdbx_struct_mod_residue.PDB_ins_code 
_pdbx_struct_mod_residue.parent_comp_id 
_pdbx_struct_mod_residue.details 
1 A LCG 4 C LCG 4 ? DG ? 
2 B LCG 4 E LCG 4 ? DG ? 
3 C LCG 4 D LCG 4 ? DG ? 
# 
loop_
_pdbx_struct_assembly.id 
_pdbx_struct_assembly.details 
_pdbx_struct_assembly.method_details 
_pdbx_struct_assembly.oligomeric_details 
_pdbx_struct_assembly.oligomeric_count 
1 author_and_software_defined_assembly PISA dimeric 2 
2 author_and_software_defined_assembly PISA dimeric 2 
# 
loop_
_pdbx_struct_assembly_gen.assembly_id 
_pdbx_struct_assembly_gen.oper_expression 
_pdbx_struct_assembly_gen.asym_id_list 
1 1   A,C,D,E,F,H 
2 1,2 B,G         
# 
loop_
_pdbx_struct_assembly_prop.biol_id 
_pdbx_struct_assembly_prop.type 
_pdbx_struct_assembly_prop.value 
_pdbx_struct_assembly_prop.details 
1 'ABSA (A^2)' 2380 ? 
1 MORE         -27  ? 
1 'SSA (A^2)'  2840 ? 
2 'ABSA (A^2)' 1750 ? 
2 MORE         6    ? 
2 'SSA (A^2)'  2820 ? 
# 
loop_
_pdbx_struct_oper_list.id 
_pdbx_struct_oper_list.type 
_pdbx_struct_oper_list.name 
_pdbx_struct_oper_list.symmetry_operation 
_pdbx_struct_oper_list.matrix[1][1] 
_pdbx_struct_oper_list.matrix[1][2] 
_pdbx_struct_oper_list.matrix[1][3] 
_pdbx_struct_oper_list.vector[1] 
_pdbx_struct_oper_list.matrix[2][1] 
_pdbx_struct_oper_list.matrix[2][2] 
_pdbx_struct_oper_list.matrix[2][3] 
_pdbx_struct_oper_list.vector[2] 
_pdbx_struct_oper_list.matrix[3][1] 
_pdbx_struct_oper_list.matrix[3][2] 
_pdbx_struct_oper_list.matrix[3][3] 
_pdbx_struct_oper_list.vector[3] 
1 'identity operation'         1_555 x,y,z      1.0000000000 0.0000000000 0.0000000000 0.0000000000 0.0000000000 1.0000000000  0.0000000000 0.0000000000   0.0000000000 0.0000000000 1.0000000000  0.0000000000  
2 'crystal symmetry operation' 7_555 y,x,-z+1/4 0.6896856441 0.2334297607 0.6854518649 4.7257047152 0.2334297607 -0.9677517215 0.0946950490 -27.2634501720 0.6854518649 0.0946950490 -0.7219339226 -2.3646514795 
# 
_pdbx_struct_special_symmetry.id              1 
_pdbx_struct_special_symmetry.PDB_model_num   1 
_pdbx_struct_special_symmetry.auth_asym_id    D 
_pdbx_struct_special_symmetry.auth_comp_id    HOH 
_pdbx_struct_special_symmetry.auth_seq_id     203 
_pdbx_struct_special_symmetry.PDB_ins_code    ? 
_pdbx_struct_special_symmetry.label_asym_id   H 
_pdbx_struct_special_symmetry.label_comp_id   HOH 
_pdbx_struct_special_symmetry.label_seq_id    . 
# 
loop_
_pdbx_audit_revision_history.ordinal 
_pdbx_audit_revision_history.data_content_type 
_pdbx_audit_revision_history.major_revision 
_pdbx_audit_revision_history.minor_revision 
_pdbx_audit_revision_history.revision_date 
1 'Structure model' 1 0 2012-12-12 
2 'Structure model' 1 1 2017-11-15 
3 'Structure model' 1 2 2023-09-13 
# 
_pdbx_audit_revision_details.ordinal             1 
_pdbx_audit_revision_details.revision_ordinal    1 
_pdbx_audit_revision_details.data_content_type   'Structure model' 
_pdbx_audit_revision_details.provider            repository 
_pdbx_audit_revision_details.type                'Initial release' 
_pdbx_audit_revision_details.description         ? 
_pdbx_audit_revision_details.details             ? 
# 
loop_
_pdbx_audit_revision_group.ordinal 
_pdbx_audit_revision_group.revision_ordinal 
_pdbx_audit_revision_group.data_content_type 
_pdbx_audit_revision_group.group 
1 2 'Structure model' 'Refinement description' 
2 2 'Structure model' 'Source and taxonomy'    
3 3 'Structure model' 'Data collection'        
4 3 'Structure model' 'Database references'    
5 3 'Structure model' 'Derived calculations'   
6 3 'Structure model' 'Refinement description' 
# 
loop_
_pdbx_audit_revision_category.ordinal 
_pdbx_audit_revision_category.revision_ordinal 
_pdbx_audit_revision_category.data_content_type 
_pdbx_audit_revision_category.category 
1 2 'Structure model' pdbx_entity_src_syn           
2 2 'Structure model' software                      
3 3 'Structure model' chem_comp_atom                
4 3 'Structure model' chem_comp_bond                
5 3 'Structure model' database_2                    
6 3 'Structure model' pdbx_initial_refinement_model 
7 3 'Structure model' struct_conn                   
8 3 'Structure model' struct_site                   
# 
loop_
_pdbx_audit_revision_item.ordinal 
_pdbx_audit_revision_item.revision_ordinal 
_pdbx_audit_revision_item.data_content_type 
_pdbx_audit_revision_item.item 
1 2 'Structure model' '_pdbx_entity_src_syn.ncbi_taxonomy_id'    
2 2 'Structure model' '_pdbx_entity_src_syn.organism_scientific' 
3 2 'Structure model' '_software.name'                           
4 3 'Structure model' '_database_2.pdbx_DOI'                     
5 3 'Structure model' '_database_2.pdbx_database_accession'      
6 3 'Structure model' '_struct_conn.pdbx_leaving_atom_flag'      
7 3 'Structure model' '_struct_site.pdbx_auth_asym_id'           
8 3 'Structure model' '_struct_site.pdbx_auth_comp_id'           
9 3 'Structure model' '_struct_site.pdbx_auth_seq_id'            
# 
loop_
_software.name 
_software.classification 
_software.version 
_software.citation_id 
_software.pdbx_ordinal 
MAR345    'data collection' .                          ? 1 
PHASER    phasing           .                          ? 2 
PHENIX    refinement        '(phenix.refine: 1.7_650)' ? 3 
DENZO     'data reduction'  .                          ? 4 
SCALEPACK 'data scaling'    .                          ? 5 
# 
loop_
_pdbx_unobs_or_zero_occ_atoms.id 
_pdbx_unobs_or_zero_occ_atoms.PDB_model_num 
_pdbx_unobs_or_zero_occ_atoms.polymer_flag 
_pdbx_unobs_or_zero_occ_atoms.occupancy_flag 
_pdbx_unobs_or_zero_occ_atoms.auth_asym_id 
_pdbx_unobs_or_zero_occ_atoms.auth_comp_id 
_pdbx_unobs_or_zero_occ_atoms.auth_seq_id 
_pdbx_unobs_or_zero_occ_atoms.PDB_ins_code 
_pdbx_unobs_or_zero_occ_atoms.auth_atom_id 
_pdbx_unobs_or_zero_occ_atoms.label_alt_id 
_pdbx_unobs_or_zero_occ_atoms.label_asym_id 
_pdbx_unobs_or_zero_occ_atoms.label_comp_id 
_pdbx_unobs_or_zero_occ_atoms.label_seq_id 
_pdbx_unobs_or_zero_occ_atoms.label_atom_id 
1  1 Y 1 E C 8 ? "C4'" ? B C 8 "C4'" 
2  1 Y 1 E C 8 ? "O4'" ? B C 8 "O4'" 
3  1 Y 1 E C 8 ? "C3'" ? B C 8 "C3'" 
4  1 Y 1 E C 8 ? "O3'" ? B C 8 "O3'" 
5  1 Y 1 E C 8 ? "C2'" ? B C 8 "C2'" 
6  1 Y 1 E C 8 ? "O2'" ? B C 8 "O2'" 
7  1 Y 1 E C 8 ? "C1'" ? B C 8 "C1'" 
8  1 Y 1 E C 8 ? N1    ? B C 8 N1    
9  1 Y 1 E C 8 ? C2    ? B C 8 C2    
10 1 Y 1 E C 8 ? O2    ? B C 8 O2    
11 1 Y 1 E C 8 ? N3    ? B C 8 N3    
12 1 Y 1 E C 8 ? C4    ? B C 8 C4    
13 1 Y 1 E C 8 ? N4    ? B C 8 N4    
14 1 Y 1 E C 8 ? C5    ? B C 8 C5    
15 1 Y 1 E C 8 ? C6    ? B C 8 C6    
# 
loop_
_chem_comp_atom.comp_id 
_chem_comp_atom.atom_id 
_chem_comp_atom.type_symbol 
_chem_comp_atom.pdbx_aromatic_flag 
_chem_comp_atom.pdbx_stereo_config 
_chem_comp_atom.pdbx_ordinal 
C   OP3    O N N 1   
C   P      P N N 2   
C   OP1    O N N 3   
C   OP2    O N N 4   
C   "O5'"  O N N 5   
C   "C5'"  C N N 6   
C   "C4'"  C N R 7   
C   "O4'"  O N N 8   
C   "C3'"  C N S 9   
C   "O3'"  O N N 10  
C   "C2'"  C N R 11  
C   "O2'"  O N N 12  
C   "C1'"  C N R 13  
C   N1     N N N 14  
C   C2     C N N 15  
C   O2     O N N 16  
C   N3     N N N 17  
C   C4     C N N 18  
C   N4     N N N 19  
C   C5     C N N 20  
C   C6     C N N 21  
C   HOP3   H N N 22  
C   HOP2   H N N 23  
C   "H5'"  H N N 24  
C   "H5''" H N N 25  
C   "H4'"  H N N 26  
C   "H3'"  H N N 27  
C   "HO3'" H N N 28  
C   "H2'"  H N N 29  
C   "HO2'" H N N 30  
C   "H1'"  H N N 31  
C   H41    H N N 32  
C   H42    H N N 33  
C   H5     H N N 34  
C   H6     H N N 35  
G   OP3    O N N 36  
G   P      P N N 37  
G   OP1    O N N 38  
G   OP2    O N N 39  
G   "O5'"  O N N 40  
G   "C5'"  C N N 41  
G   "C4'"  C N R 42  
G   "O4'"  O N N 43  
G   "C3'"  C N S 44  
G   "O3'"  O N N 45  
G   "C2'"  C N R 46  
G   "O2'"  O N N 47  
G   "C1'"  C N R 48  
G   N9     N Y N 49  
G   C8     C Y N 50  
G   N7     N Y N 51  
G   C5     C Y N 52  
G   C6     C N N 53  
G   O6     O N N 54  
G   N1     N N N 55  
G   C2     C N N 56  
G   N2     N N N 57  
G   N3     N N N 58  
G   C4     C Y N 59  
G   HOP3   H N N 60  
G   HOP2   H N N 61  
G   "H5'"  H N N 62  
G   "H5''" H N N 63  
G   "H4'"  H N N 64  
G   "H3'"  H N N 65  
G   "HO3'" H N N 66  
G   "H2'"  H N N 67  
G   "HO2'" H N N 68  
G   "H1'"  H N N 69  
G   H8     H N N 70  
G   H1     H N N 71  
G   H21    H N N 72  
G   H22    H N N 73  
HOH O      O N N 74  
HOH H1     H N N 75  
HOH H2     H N N 76  
LCG P      P N N 77  
LCG OP1    O N N 78  
LCG "O5'"  O N N 79  
LCG "C5'"  C N N 80  
LCG "C3'"  C N S 81  
LCG "C6'"  C N N 82  
LCG N9     N Y N 83  
LCG C8     C Y N 84  
LCG C4     C Y N 85  
LCG N7     N Y N 86  
LCG C5     C Y N 87  
LCG C6     C N N 88  
LCG "C2'"  C N R 89  
LCG O6     O N N 90  
LCG "C4'"  C N R 91  
LCG "C1'"  C N R 92  
LCG C2     C N N 93  
LCG N1     N N N 94  
LCG "O4'"  O N N 95  
LCG OP2    O N N 96  
LCG N2     N N N 97  
LCG N3     N N N 98  
LCG "O2'"  O N N 99  
LCG "O3'"  O N N 100 
LCG OP3    O N N 101 
LCG "H5'"  H N N 102 
LCG "H5''" H N N 103 
LCG "H3'"  H N N 104 
LCG "H6'1" H N N 105 
LCG "H6'2" H N N 106 
LCG H8     H N N 107 
LCG "H2'"  H N N 108 
LCG "H1'"  H N N 109 
LCG H1     H N N 110 
LCG HOP2   H N N 111 
LCG H21    H N N 112 
LCG H22    H N N 113 
LCG "HO3'" H N N 114 
LCG HOP3   H N N 115 
SO4 S      S N N 116 
SO4 O1     O N N 117 
SO4 O2     O N N 118 
SO4 O3     O N N 119 
SO4 O4     O N N 120 
# 
loop_
_chem_comp_bond.comp_id 
_chem_comp_bond.atom_id_1 
_chem_comp_bond.atom_id_2 
_chem_comp_bond.value_order 
_chem_comp_bond.pdbx_aromatic_flag 
_chem_comp_bond.pdbx_stereo_config 
_chem_comp_bond.pdbx_ordinal 
C   OP3   P      sing N N 1   
C   OP3   HOP3   sing N N 2   
C   P     OP1    doub N N 3   
C   P     OP2    sing N N 4   
C   P     "O5'"  sing N N 5   
C   OP2   HOP2   sing N N 6   
C   "O5'" "C5'"  sing N N 7   
C   "C5'" "C4'"  sing N N 8   
C   "C5'" "H5'"  sing N N 9   
C   "C5'" "H5''" sing N N 10  
C   "C4'" "O4'"  sing N N 11  
C   "C4'" "C3'"  sing N N 12  
C   "C4'" "H4'"  sing N N 13  
C   "O4'" "C1'"  sing N N 14  
C   "C3'" "O3'"  sing N N 15  
C   "C3'" "C2'"  sing N N 16  
C   "C3'" "H3'"  sing N N 17  
C   "O3'" "HO3'" sing N N 18  
C   "C2'" "O2'"  sing N N 19  
C   "C2'" "C1'"  sing N N 20  
C   "C2'" "H2'"  sing N N 21  
C   "O2'" "HO2'" sing N N 22  
C   "C1'" N1     sing N N 23  
C   "C1'" "H1'"  sing N N 24  
C   N1    C2     sing N N 25  
C   N1    C6     sing N N 26  
C   C2    O2     doub N N 27  
C   C2    N3     sing N N 28  
C   N3    C4     doub N N 29  
C   C4    N4     sing N N 30  
C   C4    C5     sing N N 31  
C   N4    H41    sing N N 32  
C   N4    H42    sing N N 33  
C   C5    C6     doub N N 34  
C   C5    H5     sing N N 35  
C   C6    H6     sing N N 36  
G   OP3   P      sing N N 37  
G   OP3   HOP3   sing N N 38  
G   P     OP1    doub N N 39  
G   P     OP2    sing N N 40  
G   P     "O5'"  sing N N 41  
G   OP2   HOP2   sing N N 42  
G   "O5'" "C5'"  sing N N 43  
G   "C5'" "C4'"  sing N N 44  
G   "C5'" "H5'"  sing N N 45  
G   "C5'" "H5''" sing N N 46  
G   "C4'" "O4'"  sing N N 47  
G   "C4'" "C3'"  sing N N 48  
G   "C4'" "H4'"  sing N N 49  
G   "O4'" "C1'"  sing N N 50  
G   "C3'" "O3'"  sing N N 51  
G   "C3'" "C2'"  sing N N 52  
G   "C3'" "H3'"  sing N N 53  
G   "O3'" "HO3'" sing N N 54  
G   "C2'" "O2'"  sing N N 55  
G   "C2'" "C1'"  sing N N 56  
G   "C2'" "H2'"  sing N N 57  
G   "O2'" "HO2'" sing N N 58  
G   "C1'" N9     sing N N 59  
G   "C1'" "H1'"  sing N N 60  
G   N9    C8     sing Y N 61  
G   N9    C4     sing Y N 62  
G   C8    N7     doub Y N 63  
G   C8    H8     sing N N 64  
G   N7    C5     sing Y N 65  
G   C5    C6     sing N N 66  
G   C5    C4     doub Y N 67  
G   C6    O6     doub N N 68  
G   C6    N1     sing N N 69  
G   N1    C2     sing N N 70  
G   N1    H1     sing N N 71  
G   C2    N2     sing N N 72  
G   C2    N3     doub N N 73  
G   N2    H21    sing N N 74  
G   N2    H22    sing N N 75  
G   N3    C4     sing N N 76  
HOH O     H1     sing N N 77  
HOH O     H2     sing N N 78  
LCG P     OP1    doub N N 79  
LCG P     "O5'"  sing N N 80  
LCG P     OP2    sing N N 81  
LCG P     OP3    sing N N 82  
LCG "O5'" "C5'"  sing N N 83  
LCG "C5'" "C4'"  sing N N 84  
LCG "C5'" "H5'"  sing N N 85  
LCG "C5'" "H5''" sing N N 86  
LCG "C3'" "C2'"  sing N N 87  
LCG "C3'" "C4'"  sing N N 88  
LCG "C3'" "O3'"  sing N N 89  
LCG "C3'" "H3'"  sing N N 90  
LCG "C6'" "C4'"  sing N N 91  
LCG "C6'" "O2'"  sing N N 92  
LCG "C6'" "H6'1" sing N N 93  
LCG "C6'" "H6'2" sing N N 94  
LCG N9    C8     sing Y N 95  
LCG N9    C4     sing Y N 96  
LCG N9    "C1'"  sing N N 97  
LCG C8    N7     doub Y N 98  
LCG C8    H8     sing N N 99  
LCG C4    C5     doub Y N 100 
LCG C4    N3     sing N N 101 
LCG N7    C5     sing Y N 102 
LCG C5    C6     sing N N 103 
LCG C6    O6     doub N N 104 
LCG C6    N1     sing N N 105 
LCG "C2'" "C1'"  sing N N 106 
LCG "C2'" "O2'"  sing N N 107 
LCG "C2'" "H2'"  sing N N 108 
LCG "C4'" "O4'"  sing N N 109 
LCG "C1'" "O4'"  sing N N 110 
LCG "C1'" "H1'"  sing N N 111 
LCG C2    N1     sing N N 112 
LCG C2    N2     sing N N 113 
LCG C2    N3     doub N N 114 
LCG N1    H1     sing N N 115 
LCG OP2   HOP2   sing N N 116 
LCG N2    H21    sing N N 117 
LCG N2    H22    sing N N 118 
LCG "O3'" "HO3'" sing N N 119 
LCG OP3   HOP3   sing N N 120 
SO4 S     O1     doub N N 121 
SO4 S     O2     doub N N 122 
SO4 S     O3     sing N N 123 
SO4 S     O4     sing N N 124 
# 
loop_
_ndb_struct_conf_na.entry_id 
_ndb_struct_conf_na.feature 
4E58 'double helix'        
4E58 'a-form double helix' 
# 
loop_
_ndb_struct_na_base_pair.model_number 
_ndb_struct_na_base_pair.i_label_asym_id 
_ndb_struct_na_base_pair.i_label_comp_id 
_ndb_struct_na_base_pair.i_label_seq_id 
_ndb_struct_na_base_pair.i_symmetry 
_ndb_struct_na_base_pair.j_label_asym_id 
_ndb_struct_na_base_pair.j_label_comp_id 
_ndb_struct_na_base_pair.j_label_seq_id 
_ndb_struct_na_base_pair.j_symmetry 
_ndb_struct_na_base_pair.shear 
_ndb_struct_na_base_pair.stretch 
_ndb_struct_na_base_pair.stagger 
_ndb_struct_na_base_pair.buckle 
_ndb_struct_na_base_pair.propeller 
_ndb_struct_na_base_pair.opening 
_ndb_struct_na_base_pair.pair_number 
_ndb_struct_na_base_pair.pair_name 
_ndb_struct_na_base_pair.i_auth_asym_id 
_ndb_struct_na_base_pair.i_auth_seq_id 
_ndb_struct_na_base_pair.i_PDB_ins_code 
_ndb_struct_na_base_pair.j_auth_asym_id 
_ndb_struct_na_base_pair.j_auth_seq_id 
_ndb_struct_na_base_pair.j_PDB_ins_code 
_ndb_struct_na_base_pair.hbond_type_28 
_ndb_struct_na_base_pair.hbond_type_12 
1 A C   3 1_555 C G   7 1_555 0.060  -0.100 0.234 -16.776 -1.190  -5.868  1 C_C3:G7_D   C 3 ? D 7 ? 19 1 
1 A LCG 4 1_555 C C   6 1_555 -0.304 -0.286 0.389 0.000   -14.025 -1.510  2 C_LCG4:C6_D C 4 ? D 6 ? 19 1 
1 A C   5 1_555 C C   5 1_555 2.379  -0.959 0.252 -13.016 -20.467 -22.282 3 C_C5:C5_D   C 5 ? D 5 ? ?  ? 
1 A C   6 1_555 C LCG 4 1_555 -0.228 -0.227 0.871 -11.228 -13.816 -0.632  4 C_C6:LCG4_D C 6 ? D 4 ? 19 1 
1 A G   7 1_555 C C   3 1_555 -0.315 -0.089 0.313 23.169  2.798   -0.042  5 C_G7:C3_D   C 7 ? D 3 ? 19 1 
1 B G   1 1_555 C C   2 1_555 -0.174 -0.239 0.582 13.131  -9.890  -0.643  6 E_G1:C2_D   E 1 ? D 2 ? 19 1 
1 B C   2 1_555 C G   1 1_555 0.422  -0.207 0.208 0.797   -13.851 -1.178  7 E_C2:G1_D   E 2 ? D 1 ? 19 1 
# 
loop_
_ndb_struct_na_base_pair_step.model_number 
_ndb_struct_na_base_pair_step.i_label_asym_id_1 
_ndb_struct_na_base_pair_step.i_label_comp_id_1 
_ndb_struct_na_base_pair_step.i_label_seq_id_1 
_ndb_struct_na_base_pair_step.i_symmetry_1 
_ndb_struct_na_base_pair_step.j_label_asym_id_1 
_ndb_struct_na_base_pair_step.j_label_comp_id_1 
_ndb_struct_na_base_pair_step.j_label_seq_id_1 
_ndb_struct_na_base_pair_step.j_symmetry_1 
_ndb_struct_na_base_pair_step.i_label_asym_id_2 
_ndb_struct_na_base_pair_step.i_label_comp_id_2 
_ndb_struct_na_base_pair_step.i_label_seq_id_2 
_ndb_struct_na_base_pair_step.i_symmetry_2 
_ndb_struct_na_base_pair_step.j_label_asym_id_2 
_ndb_struct_na_base_pair_step.j_label_comp_id_2 
_ndb_struct_na_base_pair_step.j_label_seq_id_2 
_ndb_struct_na_base_pair_step.j_symmetry_2 
_ndb_struct_na_base_pair_step.shift 
_ndb_struct_na_base_pair_step.slide 
_ndb_struct_na_base_pair_step.rise 
_ndb_struct_na_base_pair_step.tilt 
_ndb_struct_na_base_pair_step.roll 
_ndb_struct_na_base_pair_step.twist 
_ndb_struct_na_base_pair_step.x_displacement 
_ndb_struct_na_base_pair_step.y_displacement 
_ndb_struct_na_base_pair_step.helical_rise 
_ndb_struct_na_base_pair_step.inclination 
_ndb_struct_na_base_pair_step.tip 
_ndb_struct_na_base_pair_step.helical_twist 
_ndb_struct_na_base_pair_step.step_number 
_ndb_struct_na_base_pair_step.step_name 
_ndb_struct_na_base_pair_step.i_auth_asym_id_1 
_ndb_struct_na_base_pair_step.i_auth_seq_id_1 
_ndb_struct_na_base_pair_step.i_PDB_ins_code_1 
_ndb_struct_na_base_pair_step.j_auth_asym_id_1 
_ndb_struct_na_base_pair_step.j_auth_seq_id_1 
_ndb_struct_na_base_pair_step.j_PDB_ins_code_1 
_ndb_struct_na_base_pair_step.i_auth_asym_id_2 
_ndb_struct_na_base_pair_step.i_auth_seq_id_2 
_ndb_struct_na_base_pair_step.i_PDB_ins_code_2 
_ndb_struct_na_base_pair_step.j_auth_asym_id_2 
_ndb_struct_na_base_pair_step.j_auth_seq_id_2 
_ndb_struct_na_base_pair_step.j_PDB_ins_code_2 
1 A C   3 1_555 C G   7 1_555 A LCG 4 1_555 C C   6 1_555 0.854  -1.455 2.683 -0.600 15.046 28.637 -4.524 -1.612 1.708 28.098 
1.120  32.281 1 CC_C3LCG4:C6G7_DD C 3 ? D 7 ? C 4 ? D 6 ? 
1 A LCG 4 1_555 C C   6 1_555 A C   5 1_555 C C   5 1_555 -0.863 -1.628 3.647 -0.337 6.325  44.454 -2.753 1.098  3.402 8.310  
0.443  44.880 2 CC_LCG4C5:C5C6_DD C 4 ? D 6 ? C 5 ? D 5 ? 
1 A C   5 1_555 C C   5 1_555 A C   6 1_555 C LCG 4 1_555 1.070  -1.963 2.945 2.217  5.329  24.715 -5.781 -1.891 2.556 12.237 
-5.091 25.370 3 CC_C5C6:LCG4C5_DD C 5 ? D 5 ? C 6 ? D 4 ? 
1 A C   6 1_555 C LCG 4 1_555 A G   7 1_555 C C   3 1_555 -0.761 -1.356 2.329 1.547  10.259 14.104 -8.015 3.040  1.022 36.074 
-5.440 17.493 4 CC_C6G7:C3LCG4_DD C 6 ? D 4 ? C 7 ? D 3 ? 
1 A G   7 1_555 C C   3 1_555 B G   1 1_555 C C   2 1_555 -1.423 -0.276 3.456 -7.934 6.276  47.120 -0.874 1.068  3.575 7.747  
9.793  48.133 5 CE_G7G1:C2C3_DD   C 7 ? D 3 ? E 1 ? D 2 ? 
1 B G   1 1_555 C C   2 1_555 B C   2 1_555 C G   1 1_555 0.141  -1.943 3.403 2.926  1.092  43.057 -2.752 0.105  3.357 1.486  
-3.980 43.165 6 EE_G1C2:G1C2_DD   E 1 ? D 2 ? E 2 ? D 1 ? 
# 
loop_
_pdbx_entity_nonpoly.entity_id 
_pdbx_entity_nonpoly.name 
_pdbx_entity_nonpoly.comp_id 
2 'SULFATE ION' SO4 
3 water         HOH 
# 
_pdbx_initial_refinement_model.id               1 
_pdbx_initial_refinement_model.entity_id_list   ? 
_pdbx_initial_refinement_model.type             'experimental model' 
_pdbx_initial_refinement_model.source_name      PDB 
_pdbx_initial_refinement_model.accession_code   3GLP 
_pdbx_initial_refinement_model.details          'PDB ENTRY 3GLP' 
# 
